data_2CQ7
#
_entry.id   2CQ7
#
_entity_poly.entity_id   1
_entity_poly.type   'polypeptide(L)'
_entity_poly.pdbx_seq_one_letter_code
;GSSGSSGSCQYQDLLSNCDSLKNTAGCEHELLKEKCKATCLCESGPSSG
;
_entity_poly.pdbx_strand_id   A
#
# COMPACT_ATOMS: atom_id res chain seq x y z
N GLY A 1 12.87 -1.53 19.45
CA GLY A 1 12.58 -0.72 18.28
C GLY A 1 11.21 -1.07 17.70
N SER A 2 10.27 -0.16 17.91
CA SER A 2 8.92 -0.35 17.42
C SER A 2 8.78 0.27 16.02
N SER A 3 9.18 1.53 15.93
CA SER A 3 9.09 2.24 14.67
C SER A 3 10.32 1.93 13.81
N GLY A 4 10.11 1.03 12.84
CA GLY A 4 11.18 0.64 11.95
C GLY A 4 10.62 0.17 10.61
N SER A 5 11.54 -0.10 9.69
CA SER A 5 11.16 -0.55 8.36
C SER A 5 11.12 -2.08 8.32
N SER A 6 9.91 -2.61 8.24
CA SER A 6 9.72 -4.05 8.18
C SER A 6 8.70 -4.41 7.10
N GLY A 7 8.96 -5.52 6.44
CA GLY A 7 8.07 -5.99 5.38
C GLY A 7 7.86 -4.89 4.33
N SER A 8 8.64 -4.98 3.27
CA SER A 8 8.56 -4.01 2.18
C SER A 8 8.93 -4.68 0.86
N CYS A 9 8.08 -4.45 -0.14
CA CYS A 9 8.32 -5.01 -1.46
C CYS A 9 9.33 -4.14 -2.19
N GLN A 10 8.90 -2.92 -2.50
CA GLN A 10 9.77 -1.98 -3.20
C GLN A 10 9.25 -0.55 -3.00
N TYR A 11 8.04 -0.31 -3.50
CA TYR A 11 7.43 1.00 -3.38
C TYR A 11 7.15 1.35 -1.92
N GLN A 12 7.03 2.64 -1.67
CA GLN A 12 6.76 3.13 -0.33
C GLN A 12 5.59 4.10 -0.34
N ASP A 13 4.41 3.55 -0.10
CA ASP A 13 3.20 4.34 -0.08
C ASP A 13 3.48 5.67 0.63
N LEU A 14 3.08 6.76 -0.03
CA LEU A 14 3.30 8.08 0.52
C LEU A 14 2.33 8.31 1.68
N LEU A 15 1.16 7.69 1.56
CA LEU A 15 0.14 7.82 2.60
C LEU A 15 0.43 6.82 3.71
N SER A 16 -0.55 6.66 4.59
CA SER A 16 -0.41 5.73 5.71
C SER A 16 -1.61 4.78 5.75
N ASN A 17 -2.79 5.34 5.55
CA ASN A 17 -4.01 4.55 5.56
C ASN A 17 -4.30 4.05 4.14
N CYS A 18 -3.24 3.59 3.49
CA CYS A 18 -3.36 3.08 2.14
C CYS A 18 -4.29 1.86 2.16
N ASP A 19 -3.90 0.87 2.96
CA ASP A 19 -4.68 -0.34 3.08
C ASP A 19 -6.12 0.03 3.45
N SER A 20 -6.28 0.55 4.66
CA SER A 20 -7.59 0.94 5.14
C SER A 20 -8.40 1.58 4.00
N LEU A 21 -7.69 2.31 3.16
CA LEU A 21 -8.32 2.97 2.03
C LEU A 21 -8.63 1.95 0.95
N LYS A 22 -7.57 1.49 0.30
CA LYS A 22 -7.73 0.51 -0.77
C LYS A 22 -8.75 -0.54 -0.34
N ASN A 23 -8.64 -0.97 0.91
CA ASN A 23 -9.55 -1.96 1.44
C ASN A 23 -10.96 -1.67 0.96
N THR A 24 -11.28 -0.39 0.91
CA THR A 24 -12.59 0.03 0.46
C THR A 24 -12.47 0.98 -0.73
N ALA A 25 -12.08 2.21 -0.44
CA ALA A 25 -11.92 3.21 -1.48
C ALA A 25 -11.29 2.56 -2.72
N GLY A 26 -10.32 1.69 -2.47
CA GLY A 26 -9.63 1.00 -3.55
C GLY A 26 -8.64 1.92 -4.25
N CYS A 27 -7.49 1.36 -4.59
CA CYS A 27 -6.46 2.12 -5.26
C CYS A 27 -7.12 3.01 -6.33
N GLU A 28 -8.23 2.51 -6.85
CA GLU A 28 -8.97 3.25 -7.87
C GLU A 28 -9.01 4.74 -7.52
N HIS A 29 -9.06 5.01 -6.23
CA HIS A 29 -9.11 6.38 -5.75
C HIS A 29 -8.01 7.20 -6.44
N GLU A 30 -8.00 8.48 -6.12
CA GLU A 30 -7.01 9.38 -6.69
C GLU A 30 -5.91 9.69 -5.67
N LEU A 31 -6.22 9.41 -4.42
CA LEU A 31 -5.27 9.65 -3.34
C LEU A 31 -4.36 8.43 -3.19
N LEU A 32 -4.96 7.26 -3.32
CA LEU A 32 -4.22 6.01 -3.21
C LEU A 32 -4.08 5.38 -4.60
N LYS A 33 -3.89 6.23 -5.59
CA LYS A 33 -3.75 5.76 -6.96
C LYS A 33 -2.28 5.44 -7.24
N GLU A 34 -1.42 6.39 -6.90
CA GLU A 34 0.01 6.22 -7.11
C GLU A 34 0.75 6.33 -5.77
N LYS A 35 0.29 7.26 -4.95
CA LYS A 35 0.89 7.46 -3.64
C LYS A 35 0.76 6.19 -2.81
N CYS A 36 -0.14 5.32 -3.26
CA CYS A 36 -0.37 4.07 -2.56
C CYS A 36 0.07 2.92 -3.48
N LYS A 37 1.17 3.16 -4.18
CA LYS A 37 1.70 2.16 -5.10
C LYS A 37 1.86 0.84 -4.36
N ALA A 38 2.49 0.91 -3.20
CA ALA A 38 2.73 -0.27 -2.39
C ALA A 38 1.42 -1.05 -2.25
N THR A 39 0.51 -0.48 -1.46
CA THR A 39 -0.78 -1.11 -1.24
C THR A 39 -1.33 -1.68 -2.56
N CYS A 40 -1.09 -0.93 -3.63
CA CYS A 40 -1.56 -1.34 -4.95
C CYS A 40 -0.77 -2.58 -5.37
N LEU A 41 0.49 -2.35 -5.73
CA LEU A 41 1.35 -3.43 -6.16
C LEU A 41 1.76 -4.26 -4.94
N CYS A 42 2.68 -3.70 -4.16
CA CYS A 42 3.17 -4.37 -2.97
C CYS A 42 1.96 -4.98 -2.23
N GLU A 43 2.23 -6.07 -1.55
CA GLU A 43 1.19 -6.76 -0.81
C GLU A 43 1.80 -7.61 0.31
N SER A 44 2.65 -8.53 -0.10
CA SER A 44 3.31 -9.41 0.84
C SER A 44 4.41 -10.21 0.14
N GLY A 45 3.99 -10.96 -0.89
CA GLY A 45 4.92 -11.77 -1.65
C GLY A 45 4.31 -12.20 -2.98
N PRO A 46 4.69 -13.43 -3.41
CA PRO A 46 4.18 -13.97 -4.66
C PRO A 46 2.72 -14.42 -4.52
N SER A 47 1.82 -13.46 -4.62
CA SER A 47 0.40 -13.74 -4.51
C SER A 47 -0.09 -14.47 -5.74
N SER A 48 0.13 -13.85 -6.89
CA SER A 48 -0.28 -14.42 -8.16
C SER A 48 0.84 -15.28 -8.73
N GLY A 49 1.98 -14.64 -8.96
CA GLY A 49 3.14 -15.34 -9.50
C GLY A 49 3.38 -16.66 -8.76
N GLY A 1 14.60 3.13 16.57
CA GLY A 1 15.06 3.82 15.38
C GLY A 1 14.51 3.17 14.11
N SER A 2 14.74 3.83 12.99
CA SER A 2 14.28 3.32 11.71
C SER A 2 15.06 3.98 10.56
N SER A 3 16.27 3.46 10.34
CA SER A 3 17.12 3.98 9.29
C SER A 3 17.71 2.84 8.47
N GLY A 4 17.87 3.09 7.19
CA GLY A 4 18.42 2.09 6.29
C GLY A 4 17.31 1.36 5.54
N SER A 5 17.59 0.09 5.24
CA SER A 5 16.62 -0.73 4.54
C SER A 5 15.51 -1.17 5.48
N SER A 6 14.29 -0.87 5.10
CA SER A 6 13.13 -1.22 5.90
C SER A 6 11.84 -0.87 5.16
N GLY A 7 10.92 -1.83 5.15
CA GLY A 7 9.65 -1.64 4.48
C GLY A 7 8.87 -2.95 4.39
N SER A 8 7.55 -2.83 4.32
CA SER A 8 6.69 -3.99 4.24
C SER A 8 6.77 -4.61 2.83
N CYS A 9 6.33 -3.84 1.85
CA CYS A 9 6.34 -4.30 0.48
C CYS A 9 7.47 -3.58 -0.26
N GLN A 10 7.70 -3.99 -1.49
CA GLN A 10 8.75 -3.40 -2.30
C GLN A 10 8.55 -1.88 -2.38
N TYR A 11 7.48 -1.50 -3.06
CA TYR A 11 7.17 -0.09 -3.22
C TYR A 11 6.80 0.55 -1.88
N GLN A 12 6.95 1.87 -1.82
CA GLN A 12 6.64 2.61 -0.61
C GLN A 12 5.50 3.60 -0.87
N ASP A 13 4.62 3.69 0.11
CA ASP A 13 3.48 4.59 0.00
C ASP A 13 3.73 5.82 0.87
N LEU A 14 3.33 6.97 0.35
CA LEU A 14 3.50 8.22 1.06
C LEU A 14 2.26 8.49 1.93
N LEU A 15 1.35 7.53 1.90
CA LEU A 15 0.12 7.64 2.67
C LEU A 15 0.15 6.65 3.82
N SER A 16 -0.26 7.12 4.99
CA SER A 16 -0.28 6.27 6.17
C SER A 16 -1.71 5.80 6.45
N ASN A 17 -2.28 5.14 5.46
CA ASN A 17 -3.64 4.63 5.58
C ASN A 17 -4.13 4.18 4.21
N CYS A 18 -3.25 3.50 3.49
CA CYS A 18 -3.59 3.01 2.16
C CYS A 18 -4.56 1.85 2.31
N ASP A 19 -4.07 0.79 2.95
CA ASP A 19 -4.89 -0.40 3.17
C ASP A 19 -6.28 0.02 3.63
N SER A 20 -6.30 0.75 4.74
CA SER A 20 -7.55 1.23 5.30
C SER A 20 -8.42 1.85 4.20
N LEU A 21 -7.74 2.45 3.23
CA LEU A 21 -8.43 3.09 2.12
C LEU A 21 -8.76 2.04 1.06
N LYS A 22 -7.72 1.52 0.43
CA LYS A 22 -7.88 0.51 -0.60
C LYS A 22 -8.89 -0.54 -0.12
N ASN A 23 -8.97 -0.67 1.20
CA ASN A 23 -9.88 -1.64 1.79
C ASN A 23 -11.26 -1.49 1.16
N THR A 24 -11.58 -0.25 0.79
CA THR A 24 -12.86 0.04 0.17
C THR A 24 -12.67 0.94 -1.05
N ALA A 25 -12.34 2.19 -0.80
CA ALA A 25 -12.13 3.15 -1.87
C ALA A 25 -11.36 2.47 -3.01
N GLY A 26 -10.42 1.62 -2.61
CA GLY A 26 -9.61 0.91 -3.59
C GLY A 26 -8.63 1.85 -4.29
N CYS A 27 -7.48 1.30 -4.63
CA CYS A 27 -6.45 2.09 -5.30
C CYS A 27 -7.12 2.96 -6.35
N GLU A 28 -8.22 2.46 -6.88
CA GLU A 28 -8.97 3.19 -7.90
C GLU A 28 -9.04 4.67 -7.54
N HIS A 29 -9.08 4.94 -6.24
CA HIS A 29 -9.15 6.31 -5.76
C HIS A 29 -8.08 7.14 -6.44
N GLU A 30 -8.08 8.43 -6.12
CA GLU A 30 -7.11 9.35 -6.70
C GLU A 30 -6.02 9.67 -5.67
N LEU A 31 -6.29 9.32 -4.43
CA LEU A 31 -5.35 9.57 -3.35
C LEU A 31 -4.42 8.37 -3.21
N LEU A 32 -5.02 7.18 -3.34
CA LEU A 32 -4.25 5.95 -3.22
C LEU A 32 -4.12 5.31 -4.60
N LYS A 33 -3.94 6.17 -5.60
CA LYS A 33 -3.81 5.70 -6.97
C LYS A 33 -2.33 5.37 -7.24
N GLU A 34 -1.48 6.32 -6.90
CA GLU A 34 -0.04 6.14 -7.10
C GLU A 34 0.69 6.26 -5.77
N LYS A 35 0.25 7.21 -4.96
CA LYS A 35 0.85 7.45 -3.66
C LYS A 35 0.73 6.18 -2.81
N CYS A 36 -0.15 5.29 -3.26
CA CYS A 36 -0.37 4.03 -2.55
C CYS A 36 0.06 2.88 -3.46
N LYS A 37 1.17 3.10 -4.15
CA LYS A 37 1.70 2.10 -5.05
C LYS A 37 1.77 0.75 -4.33
N ALA A 38 2.56 0.72 -3.27
CA ALA A 38 2.72 -0.49 -2.48
C ALA A 38 1.36 -1.17 -2.33
N THR A 39 0.48 -0.51 -1.58
CA THR A 39 -0.84 -1.05 -1.35
C THR A 39 -1.42 -1.63 -2.64
N CYS A 40 -1.03 -1.04 -3.75
CA CYS A 40 -1.49 -1.48 -5.05
C CYS A 40 -0.62 -2.66 -5.50
N LEU A 41 0.60 -2.34 -5.91
CA LEU A 41 1.53 -3.36 -6.36
C LEU A 41 2.04 -4.14 -5.16
N CYS A 42 2.82 -3.46 -4.33
CA CYS A 42 3.38 -4.08 -3.15
C CYS A 42 4.37 -5.17 -3.59
N GLU A 43 3.81 -6.28 -4.02
CA GLU A 43 4.62 -7.40 -4.47
C GLU A 43 4.12 -7.91 -5.82
N SER A 44 4.47 -7.17 -6.86
CA SER A 44 4.07 -7.53 -8.21
C SER A 44 5.10 -8.48 -8.82
N GLY A 45 4.78 -9.75 -8.76
CA GLY A 45 5.67 -10.77 -9.30
C GLY A 45 5.16 -12.18 -8.97
N PRO A 46 4.44 -12.78 -9.95
CA PRO A 46 3.90 -14.11 -9.77
C PRO A 46 4.99 -15.17 -9.89
N SER A 47 4.88 -16.19 -9.05
CA SER A 47 5.85 -17.27 -9.05
C SER A 47 5.16 -18.60 -8.78
N SER A 48 5.55 -19.60 -9.55
CA SER A 48 4.97 -20.93 -9.41
C SER A 48 6.08 -21.97 -9.29
N GLY A 49 6.40 -22.29 -8.04
CA GLY A 49 7.44 -23.28 -7.77
C GLY A 49 6.87 -24.49 -7.02
N GLY A 1 1.56 1.15 20.97
CA GLY A 1 2.39 1.91 20.04
C GLY A 1 3.84 1.43 20.09
N SER A 2 4.52 1.58 18.96
CA SER A 2 5.90 1.18 18.86
C SER A 2 6.44 1.48 17.45
N SER A 3 5.79 0.88 16.46
CA SER A 3 6.18 1.08 15.08
C SER A 3 7.61 0.59 14.88
N GLY A 4 7.96 0.40 13.61
CA GLY A 4 9.30 -0.08 13.26
C GLY A 4 9.32 -0.62 11.84
N SER A 5 9.45 0.30 10.89
CA SER A 5 9.49 -0.09 9.48
C SER A 5 10.31 0.94 8.69
N SER A 6 9.86 2.19 8.77
CA SER A 6 10.53 3.27 8.06
C SER A 6 10.27 3.15 6.55
N GLY A 7 10.71 2.04 6.00
CA GLY A 7 10.53 1.79 4.57
C GLY A 7 10.72 0.30 4.25
N SER A 8 10.16 -0.08 3.11
CA SER A 8 10.26 -1.47 2.67
C SER A 8 9.55 -1.64 1.33
N CYS A 9 9.79 -2.78 0.70
CA CYS A 9 9.18 -3.08 -0.58
C CYS A 9 9.72 -2.09 -1.61
N GLN A 10 9.86 -2.57 -2.83
CA GLN A 10 10.36 -1.73 -3.91
C GLN A 10 9.80 -0.32 -3.80
N TYR A 11 8.50 -0.25 -3.60
CA TYR A 11 7.82 1.03 -3.46
C TYR A 11 7.49 1.33 -2.00
N GLN A 12 7.15 2.59 -1.75
CA GLN A 12 6.82 3.01 -0.40
C GLN A 12 5.81 4.16 -0.45
N ASP A 13 4.54 3.80 -0.34
CA ASP A 13 3.47 4.79 -0.36
C ASP A 13 3.78 5.90 0.63
N LEU A 14 3.18 7.05 0.40
CA LEU A 14 3.39 8.20 1.26
C LEU A 14 2.16 8.40 2.15
N LEU A 15 1.17 7.53 1.93
CA LEU A 15 -0.06 7.60 2.72
C LEU A 15 -0.01 6.53 3.81
N SER A 16 -0.24 6.97 5.03
CA SER A 16 -0.24 6.07 6.17
C SER A 16 -1.66 5.55 6.44
N ASN A 17 -2.27 5.02 5.38
CA ASN A 17 -3.62 4.50 5.50
C ASN A 17 -4.09 4.03 4.12
N CYS A 18 -3.17 3.41 3.40
CA CYS A 18 -3.46 2.91 2.06
C CYS A 18 -4.40 1.70 2.21
N ASP A 19 -3.85 0.64 2.79
CA ASP A 19 -4.62 -0.57 2.99
C ASP A 19 -6.00 -0.22 3.52
N SER A 20 -6.02 0.53 4.60
CA SER A 20 -7.27 0.96 5.21
C SER A 20 -8.19 1.56 4.14
N LEU A 21 -7.57 2.29 3.22
CA LEU A 21 -8.32 2.93 2.16
C LEU A 21 -8.70 1.88 1.11
N LYS A 22 -7.68 1.19 0.60
CA LYS A 22 -7.88 0.17 -0.40
C LYS A 22 -8.99 -0.78 0.07
N ASN A 23 -9.18 -0.81 1.37
CA ASN A 23 -10.20 -1.67 1.96
C ASN A 23 -11.53 -1.47 1.22
N THR A 24 -11.84 -0.21 0.95
CA THR A 24 -13.05 0.13 0.24
C THR A 24 -12.75 1.06 -0.93
N ALA A 25 -12.25 2.24 -0.60
CA ALA A 25 -11.92 3.23 -1.61
C ALA A 25 -11.26 2.52 -2.81
N GLY A 26 -10.25 1.73 -2.50
CA GLY A 26 -9.54 0.99 -3.53
C GLY A 26 -8.56 1.91 -4.29
N CYS A 27 -7.41 1.35 -4.61
CA CYS A 27 -6.39 2.09 -5.33
C CYS A 27 -7.07 2.94 -6.40
N GLU A 28 -8.18 2.42 -6.91
CA GLU A 28 -8.93 3.11 -7.93
C GLU A 28 -8.98 4.61 -7.64
N HIS A 29 -9.03 4.93 -6.35
CA HIS A 29 -9.08 6.31 -5.92
C HIS A 29 -7.96 7.11 -6.60
N GLU A 30 -7.95 8.39 -6.31
CA GLU A 30 -6.93 9.26 -6.89
C GLU A 30 -5.83 9.55 -5.87
N LEU A 31 -6.21 9.47 -4.60
CA LEU A 31 -5.26 9.71 -3.52
C LEU A 31 -4.37 8.49 -3.35
N LEU A 32 -4.99 7.32 -3.45
CA LEU A 32 -4.26 6.07 -3.30
C LEU A 32 -4.13 5.40 -4.68
N LYS A 33 -3.89 6.23 -5.68
CA LYS A 33 -3.74 5.73 -7.04
C LYS A 33 -2.27 5.39 -7.29
N GLU A 34 -1.41 6.35 -6.97
CA GLU A 34 0.01 6.15 -7.16
C GLU A 34 0.75 6.28 -5.82
N LYS A 35 0.28 7.22 -5.01
CA LYS A 35 0.89 7.46 -3.71
C LYS A 35 0.74 6.19 -2.86
N CYS A 36 -0.19 5.34 -3.26
CA CYS A 36 -0.43 4.10 -2.55
C CYS A 36 0.00 2.94 -3.45
N LYS A 37 1.13 3.13 -4.11
CA LYS A 37 1.67 2.11 -5.00
C LYS A 37 1.78 0.79 -4.24
N ALA A 38 2.54 0.83 -3.15
CA ALA A 38 2.73 -0.35 -2.33
C ALA A 38 1.41 -1.11 -2.22
N THR A 39 0.44 -0.47 -1.58
CA THR A 39 -0.87 -1.06 -1.39
C THR A 39 -1.40 -1.60 -2.72
N CYS A 40 -1.06 -0.89 -3.79
CA CYS A 40 -1.50 -1.29 -5.12
C CYS A 40 -0.68 -2.51 -5.55
N LEU A 41 0.56 -2.24 -5.93
CA LEU A 41 1.44 -3.31 -6.37
C LEU A 41 1.85 -4.16 -5.16
N CYS A 42 2.71 -3.58 -4.34
CA CYS A 42 3.18 -4.26 -3.15
C CYS A 42 1.98 -4.91 -2.46
N GLU A 43 2.28 -5.80 -1.52
CA GLU A 43 1.23 -6.50 -0.78
C GLU A 43 1.82 -7.13 0.48
N SER A 44 1.77 -6.36 1.56
CA SER A 44 2.27 -6.84 2.84
C SER A 44 1.12 -7.16 3.79
N GLY A 45 1.20 -8.32 4.40
CA GLY A 45 0.17 -8.75 5.33
C GLY A 45 0.05 -10.28 5.34
N PRO A 46 0.80 -10.89 6.30
CA PRO A 46 0.78 -12.34 6.43
C PRO A 46 -0.51 -12.82 7.09
N SER A 47 -0.85 -14.07 6.81
CA SER A 47 -2.07 -14.66 7.36
C SER A 47 -1.84 -15.04 8.83
N SER A 48 -0.86 -15.91 9.03
CA SER A 48 -0.53 -16.36 10.37
C SER A 48 -0.03 -15.19 11.21
N GLY A 49 1.05 -14.58 10.75
CA GLY A 49 1.63 -13.45 11.45
C GLY A 49 2.97 -13.04 10.82
N GLY A 1 9.13 11.59 12.28
CA GLY A 1 8.11 11.94 11.29
C GLY A 1 7.71 10.72 10.47
N SER A 2 8.29 10.61 9.29
CA SER A 2 7.98 9.50 8.40
C SER A 2 8.78 8.27 8.82
N SER A 3 8.16 7.11 8.63
CA SER A 3 8.79 5.85 8.99
C SER A 3 10.21 5.80 8.42
N GLY A 4 11.02 4.93 9.01
CA GLY A 4 12.40 4.77 8.57
C GLY A 4 12.47 3.99 7.27
N SER A 5 13.68 3.87 6.74
CA SER A 5 13.90 3.14 5.50
C SER A 5 14.70 1.88 5.77
N SER A 6 14.62 0.95 4.83
CA SER A 6 15.33 -0.31 4.95
C SER A 6 15.33 -1.05 3.61
N GLY A 7 14.13 -1.30 3.11
CA GLY A 7 13.98 -2.01 1.85
C GLY A 7 13.24 -3.33 2.03
N SER A 8 11.99 -3.22 2.46
CA SER A 8 11.17 -4.40 2.68
C SER A 8 10.43 -4.76 1.40
N CYS A 9 9.66 -3.80 0.91
CA CYS A 9 8.89 -4.02 -0.31
C CYS A 9 9.53 -3.18 -1.43
N GLN A 10 9.07 -3.42 -2.65
CA GLN A 10 9.58 -2.71 -3.80
C GLN A 10 9.23 -1.22 -3.70
N TYR A 11 7.93 -0.95 -3.74
CA TYR A 11 7.46 0.43 -3.66
C TYR A 11 7.06 0.77 -2.23
N GLN A 12 6.76 2.05 -2.02
CA GLN A 12 6.36 2.53 -0.71
C GLN A 12 5.13 3.43 -0.82
N ASP A 13 4.35 3.45 0.25
CA ASP A 13 3.14 4.26 0.28
C ASP A 13 3.39 5.51 1.13
N LEU A 14 3.37 6.65 0.47
CA LEU A 14 3.59 7.91 1.15
C LEU A 14 2.44 8.18 2.13
N LEU A 15 1.28 7.64 1.79
CA LEU A 15 0.11 7.80 2.62
C LEU A 15 0.20 6.85 3.82
N SER A 16 -0.43 7.26 4.91
CA SER A 16 -0.42 6.46 6.12
C SER A 16 -1.82 5.90 6.39
N ASN A 17 -2.36 5.23 5.39
CA ASN A 17 -3.68 4.65 5.50
C ASN A 17 -4.14 4.15 4.12
N CYS A 18 -3.21 3.52 3.42
CA CYS A 18 -3.50 3.00 2.09
C CYS A 18 -4.41 1.78 2.26
N ASP A 19 -3.84 0.74 2.85
CA ASP A 19 -4.59 -0.49 3.06
C ASP A 19 -6.00 -0.16 3.56
N SER A 20 -6.05 0.61 4.63
CA SER A 20 -7.32 1.01 5.21
C SER A 20 -8.23 1.58 4.12
N LEU A 21 -7.61 2.29 3.19
CA LEU A 21 -8.35 2.89 2.10
C LEU A 21 -8.63 1.82 1.03
N LYS A 22 -7.57 1.36 0.41
CA LYS A 22 -7.68 0.34 -0.63
C LYS A 22 -8.72 -0.70 -0.19
N ASN A 23 -8.83 -0.87 1.12
CA ASN A 23 -9.77 -1.82 1.67
C ASN A 23 -11.15 -1.58 1.06
N THR A 24 -11.54 -0.31 1.04
CA THR A 24 -12.83 0.06 0.49
C THR A 24 -12.65 0.96 -0.73
N ALA A 25 -12.18 2.17 -0.47
CA ALA A 25 -11.95 3.14 -1.54
C ALA A 25 -11.35 2.41 -2.76
N GLY A 26 -10.22 1.77 -2.52
CA GLY A 26 -9.54 1.03 -3.58
C GLY A 26 -8.54 1.93 -4.31
N CYS A 27 -7.40 1.36 -4.64
CA CYS A 27 -6.36 2.09 -5.34
C CYS A 27 -7.03 2.95 -6.43
N GLU A 28 -8.15 2.44 -6.92
CA GLU A 28 -8.89 3.15 -7.96
C GLU A 28 -8.95 4.63 -7.64
N HIS A 29 -9.05 4.94 -6.36
CA HIS A 29 -9.11 6.32 -5.92
C HIS A 29 -8.00 7.13 -6.57
N GLU A 30 -8.00 8.42 -6.28
CA GLU A 30 -7.00 9.31 -6.84
C GLU A 30 -5.91 9.60 -5.81
N LEU A 31 -6.29 9.48 -4.54
CA LEU A 31 -5.36 9.72 -3.46
C LEU A 31 -4.44 8.51 -3.29
N LEU A 32 -5.05 7.34 -3.43
CA LEU A 32 -4.31 6.09 -3.29
C LEU A 32 -4.17 5.44 -4.66
N LYS A 33 -3.94 6.28 -5.67
CA LYS A 33 -3.78 5.79 -7.03
C LYS A 33 -2.31 5.45 -7.27
N GLU A 34 -1.45 6.39 -6.93
CA GLU A 34 -0.01 6.20 -7.11
C GLU A 34 0.71 6.32 -5.77
N LYS A 35 0.25 7.27 -4.97
CA LYS A 35 0.84 7.51 -3.67
C LYS A 35 0.69 6.24 -2.81
N CYS A 36 -0.22 5.38 -3.25
CA CYS A 36 -0.47 4.14 -2.53
C CYS A 36 -0.02 2.98 -3.43
N LYS A 37 1.02 3.24 -4.21
CA LYS A 37 1.54 2.23 -5.12
C LYS A 37 1.72 0.91 -4.36
N ALA A 38 2.52 0.98 -3.29
CA ALA A 38 2.77 -0.18 -2.47
C ALA A 38 1.48 -0.99 -2.32
N THR A 39 0.52 -0.39 -1.64
CA THR A 39 -0.75 -1.05 -1.41
C THR A 39 -1.29 -1.62 -2.72
N CYS A 40 -1.02 -0.92 -3.80
CA CYS A 40 -1.47 -1.34 -5.12
C CYS A 40 -0.62 -2.54 -5.54
N LEU A 41 0.64 -2.26 -5.87
CA LEU A 41 1.56 -3.30 -6.28
C LEU A 41 1.95 -4.16 -5.08
N CYS A 42 2.81 -3.59 -4.25
CA CYS A 42 3.28 -4.28 -3.06
C CYS A 42 2.07 -4.95 -2.39
N GLU A 43 2.01 -6.27 -2.54
CA GLU A 43 0.91 -7.04 -1.97
C GLU A 43 1.46 -8.07 -0.98
N SER A 44 1.40 -7.72 0.29
CA SER A 44 1.89 -8.60 1.33
C SER A 44 0.75 -9.51 1.81
N GLY A 45 1.03 -10.81 1.80
CA GLY A 45 0.05 -11.78 2.23
C GLY A 45 -0.07 -11.82 3.76
N PRO A 46 -0.84 -12.83 4.26
CA PRO A 46 -1.02 -12.98 5.69
C PRO A 46 0.22 -13.56 6.35
N SER A 47 0.87 -12.73 7.15
CA SER A 47 2.08 -13.16 7.84
C SER A 47 2.32 -12.26 9.06
N SER A 48 1.92 -12.77 10.22
CA SER A 48 2.09 -12.03 11.46
C SER A 48 3.57 -11.73 11.70
N GLY A 49 3.83 -10.54 12.22
CA GLY A 49 5.18 -10.12 12.50
C GLY A 49 5.24 -8.65 12.89
N GLY A 1 13.19 -8.89 0.11
CA GLY A 1 13.86 -9.86 -0.74
C GLY A 1 14.15 -11.15 0.03
N SER A 2 14.91 -10.99 1.11
CA SER A 2 15.27 -12.13 1.93
C SER A 2 15.53 -11.68 3.38
N SER A 3 14.56 -11.99 4.23
CA SER A 3 14.66 -11.61 5.63
C SER A 3 14.46 -10.10 5.79
N GLY A 4 15.42 -9.36 5.26
CA GLY A 4 15.36 -7.91 5.33
C GLY A 4 16.40 -7.27 4.41
N SER A 5 15.93 -6.86 3.24
CA SER A 5 16.81 -6.24 2.26
C SER A 5 16.55 -4.73 2.22
N SER A 6 17.13 -4.04 3.20
CA SER A 6 16.99 -2.59 3.28
C SER A 6 15.53 -2.21 3.00
N GLY A 7 14.76 -2.12 4.07
CA GLY A 7 13.36 -1.75 3.95
C GLY A 7 12.49 -2.99 3.71
N SER A 8 11.33 -2.75 3.10
CA SER A 8 10.41 -3.82 2.81
C SER A 8 9.65 -3.53 1.51
N CYS A 9 9.50 -4.57 0.70
CA CYS A 9 8.80 -4.44 -0.56
C CYS A 9 9.61 -3.49 -1.45
N GLN A 10 9.14 -3.35 -2.69
CA GLN A 10 9.81 -2.48 -3.64
C GLN A 10 9.29 -1.05 -3.50
N TYR A 11 8.02 -0.87 -3.84
CA TYR A 11 7.40 0.44 -3.75
C TYR A 11 6.93 0.73 -2.33
N GLN A 12 6.75 2.01 -2.05
CA GLN A 12 6.30 2.44 -0.74
C GLN A 12 5.07 3.35 -0.86
N ASP A 13 4.28 3.37 0.21
CA ASP A 13 3.09 4.19 0.22
C ASP A 13 3.34 5.44 1.08
N LEU A 14 3.42 6.57 0.40
CA LEU A 14 3.67 7.84 1.08
C LEU A 14 2.54 8.08 2.09
N LEU A 15 1.34 7.65 1.72
CA LEU A 15 0.19 7.82 2.59
C LEU A 15 0.28 6.82 3.74
N SER A 16 -0.56 7.06 4.75
CA SER A 16 -0.59 6.19 5.92
C SER A 16 -2.01 5.70 6.16
N ASN A 17 -2.66 5.29 5.08
CA ASN A 17 -4.02 4.79 5.17
C ASN A 17 -4.38 4.09 3.86
N CYS A 18 -3.37 3.50 3.24
CA CYS A 18 -3.58 2.80 1.98
C CYS A 18 -4.27 1.47 2.29
N ASP A 19 -3.94 0.91 3.44
CA ASP A 19 -4.53 -0.35 3.86
C ASP A 19 -5.96 -0.11 4.34
N SER A 20 -6.19 1.11 4.82
CA SER A 20 -7.50 1.47 5.33
C SER A 20 -8.38 1.95 4.16
N LEU A 21 -7.73 2.54 3.17
CA LEU A 21 -8.43 3.04 2.00
C LEU A 21 -8.69 1.89 1.03
N LYS A 22 -7.62 1.21 0.68
CA LYS A 22 -7.72 0.09 -0.24
C LYS A 22 -8.88 -0.81 0.17
N ASN A 23 -9.15 -0.80 1.47
CA ASN A 23 -10.23 -1.61 2.02
C ASN A 23 -11.43 -1.57 1.07
N THR A 24 -12.01 -0.38 0.95
CA THR A 24 -13.16 -0.19 0.09
C THR A 24 -12.81 0.78 -1.05
N ALA A 25 -12.27 1.92 -0.66
CA ALA A 25 -11.90 2.94 -1.63
C ALA A 25 -11.18 2.27 -2.80
N GLY A 26 -10.11 1.55 -2.47
CA GLY A 26 -9.33 0.86 -3.49
C GLY A 26 -8.40 1.84 -4.21
N CYS A 27 -7.25 1.32 -4.59
CA CYS A 27 -6.25 2.13 -5.30
C CYS A 27 -6.99 2.99 -6.33
N GLU A 28 -8.09 2.44 -6.82
CA GLU A 28 -8.89 3.14 -7.82
C GLU A 28 -8.97 4.63 -7.49
N HIS A 29 -9.00 4.91 -6.20
CA HIS A 29 -9.08 6.28 -5.73
C HIS A 29 -8.01 7.13 -6.44
N GLU A 30 -8.03 8.41 -6.14
CA GLU A 30 -7.07 9.33 -6.74
C GLU A 30 -5.97 9.67 -5.74
N LEU A 31 -6.25 9.41 -4.48
CA LEU A 31 -5.29 9.67 -3.41
C LEU A 31 -4.35 8.48 -3.27
N LEU A 32 -4.94 7.29 -3.34
CA LEU A 32 -4.17 6.06 -3.22
C LEU A 32 -4.03 5.42 -4.60
N LYS A 33 -3.89 6.26 -5.60
CA LYS A 33 -3.74 5.79 -6.97
C LYS A 33 -2.28 5.48 -7.26
N GLU A 34 -1.43 6.44 -6.92
CA GLU A 34 0.00 6.28 -7.14
C GLU A 34 0.76 6.41 -5.81
N LYS A 35 0.30 7.36 -5.00
CA LYS A 35 0.91 7.59 -3.70
C LYS A 35 0.81 6.31 -2.86
N CYS A 36 -0.07 5.43 -3.29
CA CYS A 36 -0.29 4.18 -2.58
C CYS A 36 0.16 3.03 -3.50
N LYS A 37 1.21 3.30 -4.25
CA LYS A 37 1.74 2.30 -5.18
C LYS A 37 1.88 0.96 -4.45
N ALA A 38 2.67 0.99 -3.38
CA ALA A 38 2.90 -0.21 -2.59
C ALA A 38 1.58 -0.99 -2.45
N THR A 39 0.63 -0.36 -1.77
CA THR A 39 -0.67 -0.97 -1.56
C THR A 39 -1.21 -1.53 -2.88
N CYS A 40 -0.90 -0.82 -3.96
CA CYS A 40 -1.35 -1.23 -5.28
C CYS A 40 -0.52 -2.43 -5.72
N LEU A 41 0.74 -2.17 -6.01
CA LEU A 41 1.66 -3.22 -6.44
C LEU A 41 2.00 -4.11 -5.25
N CYS A 42 2.86 -3.58 -4.39
CA CYS A 42 3.29 -4.30 -3.21
C CYS A 42 2.06 -4.96 -2.58
N GLU A 43 1.94 -6.27 -2.80
CA GLU A 43 0.82 -7.02 -2.26
C GLU A 43 -0.48 -6.55 -2.91
N SER A 44 -0.77 -7.10 -4.08
CA SER A 44 -1.97 -6.75 -4.80
C SER A 44 -3.05 -7.80 -4.55
N GLY A 45 -4.02 -7.43 -3.74
CA GLY A 45 -5.12 -8.32 -3.41
C GLY A 45 -5.12 -8.68 -1.92
N PRO A 46 -5.52 -9.95 -1.63
CA PRO A 46 -5.57 -10.42 -0.26
C PRO A 46 -4.16 -10.70 0.27
N SER A 47 -3.79 -9.97 1.30
CA SER A 47 -2.47 -10.13 1.91
C SER A 47 -2.61 -10.94 3.20
N SER A 48 -1.93 -12.08 3.22
CA SER A 48 -1.95 -12.95 4.38
C SER A 48 -0.63 -13.72 4.49
N GLY A 49 -0.18 -13.89 5.72
CA GLY A 49 1.07 -14.60 5.98
C GLY A 49 0.81 -15.87 6.78
N GLY A 1 24.55 2.18 -7.36
CA GLY A 1 23.53 1.17 -7.62
C GLY A 1 22.20 1.83 -8.01
N SER A 2 21.12 1.26 -7.51
CA SER A 2 19.80 1.78 -7.80
C SER A 2 18.83 1.36 -6.69
N SER A 3 18.71 0.05 -6.50
CA SER A 3 17.81 -0.49 -5.49
C SER A 3 18.63 -1.06 -4.33
N GLY A 4 18.93 -0.20 -3.37
CA GLY A 4 19.70 -0.61 -2.21
C GLY A 4 19.08 -0.06 -0.92
N SER A 5 19.82 -0.22 0.17
CA SER A 5 19.35 0.25 1.46
C SER A 5 18.08 -0.50 1.86
N SER A 6 17.85 -0.54 3.17
CA SER A 6 16.67 -1.22 3.69
C SER A 6 15.45 -0.90 2.83
N GLY A 7 14.45 -1.75 2.93
CA GLY A 7 13.22 -1.57 2.16
C GLY A 7 12.31 -2.79 2.28
N SER A 8 11.39 -2.72 3.22
CA SER A 8 10.45 -3.80 3.45
C SER A 8 9.91 -4.31 2.11
N CYS A 9 9.25 -3.41 1.40
CA CYS A 9 8.68 -3.75 0.11
C CYS A 9 9.37 -2.90 -0.97
N GLN A 10 9.08 -3.25 -2.21
CA GLN A 10 9.67 -2.53 -3.34
C GLN A 10 9.31 -1.04 -3.27
N TYR A 11 8.03 -0.77 -3.54
CA TYR A 11 7.55 0.61 -3.52
C TYR A 11 7.33 1.08 -2.08
N GLN A 12 7.21 2.39 -1.94
CA GLN A 12 7.00 2.98 -0.63
C GLN A 12 5.72 3.83 -0.64
N ASP A 13 4.79 3.43 0.22
CA ASP A 13 3.52 4.14 0.32
C ASP A 13 3.77 5.55 0.87
N LEU A 14 3.20 6.53 0.17
CA LEU A 14 3.36 7.91 0.59
C LEU A 14 2.40 8.21 1.74
N LEU A 15 1.22 7.62 1.66
CA LEU A 15 0.21 7.81 2.69
C LEU A 15 0.45 6.81 3.82
N SER A 16 -0.51 6.75 4.73
CA SER A 16 -0.43 5.84 5.86
C SER A 16 -1.64 4.90 5.87
N ASN A 17 -2.79 5.48 5.59
CA ASN A 17 -4.03 4.72 5.57
C ASN A 17 -4.31 4.25 4.14
N CYS A 18 -3.27 3.69 3.52
CA CYS A 18 -3.39 3.19 2.17
C CYS A 18 -4.33 1.99 2.17
N ASP A 19 -3.89 0.94 2.86
CA ASP A 19 -4.69 -0.27 2.96
C ASP A 19 -6.12 0.09 3.36
N SER A 20 -6.24 0.61 4.58
CA SER A 20 -7.55 0.99 5.10
C SER A 20 -8.38 1.65 3.99
N LEU A 21 -7.69 2.44 3.17
CA LEU A 21 -8.35 3.13 2.08
C LEU A 21 -8.68 2.13 0.97
N LYS A 22 -7.63 1.51 0.45
CA LYS A 22 -7.80 0.52 -0.61
C LYS A 22 -8.85 -0.50 -0.18
N ASN A 23 -9.00 -0.65 1.12
CA ASN A 23 -9.96 -1.59 1.66
C ASN A 23 -11.30 -1.42 0.93
N THR A 24 -11.90 -0.25 1.13
CA THR A 24 -13.18 0.05 0.50
C THR A 24 -12.96 0.88 -0.77
N ALA A 25 -12.50 2.11 -0.56
CA ALA A 25 -12.26 3.01 -1.67
C ALA A 25 -11.58 2.24 -2.80
N GLY A 26 -10.42 1.68 -2.48
CA GLY A 26 -9.66 0.93 -3.46
C GLY A 26 -8.67 1.82 -4.21
N CYS A 27 -7.53 1.24 -4.54
CA CYS A 27 -6.49 1.98 -5.25
C CYS A 27 -7.16 2.83 -6.32
N GLU A 28 -8.28 2.33 -6.83
CA GLU A 28 -9.02 3.04 -7.85
C GLU A 28 -9.06 4.54 -7.55
N HIS A 29 -9.09 4.84 -6.25
CA HIS A 29 -9.13 6.22 -5.81
C HIS A 29 -8.02 7.01 -6.50
N GLU A 30 -7.95 8.29 -6.18
CA GLU A 30 -6.94 9.17 -6.76
C GLU A 30 -5.87 9.50 -5.71
N LEU A 31 -6.24 9.32 -4.46
CA LEU A 31 -5.31 9.58 -3.36
C LEU A 31 -4.41 8.37 -3.15
N LEU A 32 -4.99 7.20 -3.36
CA LEU A 32 -4.25 5.95 -3.19
C LEU A 32 -4.07 5.29 -4.56
N LYS A 33 -3.80 6.12 -5.56
CA LYS A 33 -3.60 5.63 -6.91
C LYS A 33 -2.10 5.45 -7.17
N GLU A 34 -1.35 6.50 -6.87
CA GLU A 34 0.09 6.47 -7.06
C GLU A 34 0.81 6.58 -5.71
N LYS A 35 0.19 7.33 -4.80
CA LYS A 35 0.76 7.51 -3.48
C LYS A 35 0.67 6.20 -2.70
N CYS A 36 -0.25 5.36 -3.12
CA CYS A 36 -0.44 4.07 -2.48
C CYS A 36 0.00 2.97 -3.45
N LYS A 37 1.10 3.24 -4.14
CA LYS A 37 1.64 2.30 -5.09
C LYS A 37 1.86 0.95 -4.40
N ALA A 38 2.72 0.96 -3.40
CA ALA A 38 3.03 -0.24 -2.64
C ALA A 38 1.73 -1.01 -2.38
N THR A 39 0.82 -0.35 -1.68
CA THR A 39 -0.46 -0.96 -1.35
C THR A 39 -1.12 -1.51 -2.61
N CYS A 40 -0.87 -0.85 -3.72
CA CYS A 40 -1.43 -1.26 -5.00
C CYS A 40 -0.65 -2.47 -5.49
N LEU A 41 0.61 -2.21 -5.85
CA LEU A 41 1.47 -3.26 -6.35
C LEU A 41 1.88 -4.17 -5.18
N CYS A 42 2.80 -3.67 -4.37
CA CYS A 42 3.27 -4.42 -3.22
C CYS A 42 2.06 -5.03 -2.50
N GLU A 43 2.30 -6.16 -1.87
CA GLU A 43 1.23 -6.85 -1.14
C GLU A 43 0.83 -6.04 0.09
N SER A 44 -0.48 -5.88 0.24
CA SER A 44 -1.01 -5.13 1.37
C SER A 44 -1.24 -6.06 2.56
N GLY A 45 -0.58 -5.72 3.66
CA GLY A 45 -0.71 -6.52 4.87
C GLY A 45 0.59 -7.28 5.16
N PRO A 46 0.72 -8.47 4.50
CA PRO A 46 1.90 -9.29 4.68
C PRO A 46 3.09 -8.72 3.93
N SER A 47 3.70 -7.70 4.53
CA SER A 47 4.85 -7.05 3.93
C SER A 47 5.94 -8.09 3.64
N SER A 48 6.63 -7.87 2.53
CA SER A 48 7.70 -8.77 2.13
C SER A 48 8.51 -8.14 1.00
N GLY A 49 9.76 -8.58 0.88
CA GLY A 49 10.65 -8.08 -0.15
C GLY A 49 11.49 -9.21 -0.75
N GLY A 1 8.59 4.96 11.95
CA GLY A 1 7.60 4.31 12.80
C GLY A 1 8.16 4.08 14.20
N SER A 2 7.42 3.32 14.98
CA SER A 2 7.83 3.01 16.34
C SER A 2 8.58 1.68 16.38
N SER A 3 7.90 0.64 15.93
CA SER A 3 8.49 -0.69 15.91
C SER A 3 7.72 -1.59 14.93
N GLY A 4 8.06 -1.44 13.66
CA GLY A 4 7.41 -2.22 12.61
C GLY A 4 6.61 -1.33 11.67
N SER A 5 7.33 -0.70 10.75
CA SER A 5 6.71 0.18 9.78
C SER A 5 7.34 -0.02 8.40
N SER A 6 6.53 -0.55 7.49
CA SER A 6 6.99 -0.79 6.13
C SER A 6 8.38 -1.44 6.17
N GLY A 7 8.37 -2.77 6.21
CA GLY A 7 9.62 -3.51 6.24
C GLY A 7 10.59 -3.03 5.16
N SER A 8 10.37 -3.53 3.95
CA SER A 8 11.20 -3.15 2.82
C SER A 8 10.62 -3.72 1.53
N CYS A 9 9.66 -2.99 0.99
CA CYS A 9 9.01 -3.40 -0.24
C CYS A 9 9.56 -2.55 -1.39
N GLN A 10 9.30 -3.00 -2.61
CA GLN A 10 9.76 -2.30 -3.79
C GLN A 10 9.34 -0.83 -3.73
N TYR A 11 8.04 -0.62 -3.76
CA TYR A 11 7.49 0.72 -3.71
C TYR A 11 7.15 1.12 -2.28
N GLN A 12 6.79 2.39 -2.12
CA GLN A 12 6.44 2.91 -0.81
C GLN A 12 5.15 3.73 -0.90
N ASP A 13 4.38 3.68 0.18
CA ASP A 13 3.13 4.42 0.24
C ASP A 13 3.32 5.67 1.09
N LEU A 14 3.25 6.81 0.43
CA LEU A 14 3.41 8.08 1.12
C LEU A 14 2.31 8.23 2.18
N LEU A 15 1.13 7.75 1.82
CA LEU A 15 -0.01 7.82 2.73
C LEU A 15 0.16 6.77 3.84
N SER A 16 -0.43 7.08 4.98
CA SER A 16 -0.35 6.18 6.13
C SER A 16 -1.72 5.56 6.41
N ASN A 17 -2.38 5.16 5.33
CA ASN A 17 -3.70 4.57 5.44
C ASN A 17 -4.15 4.06 4.07
N CYS A 18 -3.18 3.57 3.31
CA CYS A 18 -3.46 3.06 1.99
C CYS A 18 -4.37 1.84 2.12
N ASP A 19 -3.89 0.86 2.86
CA ASP A 19 -4.64 -0.36 3.09
C ASP A 19 -6.06 -0.01 3.53
N SER A 20 -6.14 0.60 4.72
CA SER A 20 -7.42 0.99 5.25
C SER A 20 -8.31 1.56 4.15
N LEU A 21 -7.67 2.24 3.21
CA LEU A 21 -8.39 2.83 2.10
C LEU A 21 -8.70 1.76 1.06
N LYS A 22 -7.66 1.12 0.57
CA LYS A 22 -7.81 0.06 -0.41
C LYS A 22 -9.01 -0.81 -0.04
N ASN A 23 -9.18 -0.98 1.26
CA ASN A 23 -10.29 -1.79 1.76
C ASN A 23 -11.54 -1.51 0.93
N THR A 24 -11.97 -0.27 0.95
CA THR A 24 -13.15 0.14 0.21
C THR A 24 -12.76 1.11 -0.91
N ALA A 25 -12.18 2.23 -0.50
CA ALA A 25 -11.75 3.24 -1.45
C ALA A 25 -11.15 2.56 -2.69
N GLY A 26 -10.17 1.71 -2.42
CA GLY A 26 -9.50 0.99 -3.49
C GLY A 26 -8.51 1.90 -4.23
N CYS A 27 -7.37 1.31 -4.58
CA CYS A 27 -6.34 2.06 -5.28
C CYS A 27 -7.02 2.93 -6.34
N GLU A 28 -8.14 2.43 -6.85
CA GLU A 28 -8.89 3.14 -7.86
C GLU A 28 -8.95 4.63 -7.53
N HIS A 29 -9.00 4.91 -6.23
CA HIS A 29 -9.06 6.29 -5.77
C HIS A 29 -7.98 7.12 -6.45
N GLU A 30 -7.97 8.41 -6.14
CA GLU A 30 -7.00 9.31 -6.72
C GLU A 30 -5.88 9.60 -5.72
N LEU A 31 -6.22 9.44 -4.44
CA LEU A 31 -5.25 9.68 -3.38
C LEU A 31 -4.33 8.46 -3.26
N LEU A 32 -4.93 7.28 -3.38
CA LEU A 32 -4.17 6.05 -3.29
C LEU A 32 -4.08 5.41 -4.68
N LYS A 33 -3.90 6.26 -5.68
CA LYS A 33 -3.79 5.79 -7.05
C LYS A 33 -2.33 5.44 -7.34
N GLU A 34 -1.45 6.38 -7.02
CA GLU A 34 -0.02 6.17 -7.25
C GLU A 34 0.74 6.30 -5.94
N LYS A 35 0.32 7.26 -5.13
CA LYS A 35 0.95 7.50 -3.84
C LYS A 35 0.85 6.24 -2.99
N CYS A 36 -0.07 5.37 -3.38
CA CYS A 36 -0.29 4.13 -2.66
C CYS A 36 0.15 2.97 -3.55
N LYS A 37 1.26 3.19 -4.26
CA LYS A 37 1.79 2.17 -5.16
C LYS A 37 1.88 0.84 -4.40
N ALA A 38 2.71 0.84 -3.37
CA ALA A 38 2.90 -0.36 -2.58
C ALA A 38 1.56 -1.06 -2.38
N THR A 39 0.68 -0.38 -1.65
CA THR A 39 -0.65 -0.93 -1.38
C THR A 39 -1.25 -1.52 -2.66
N CYS A 40 -0.94 -0.88 -3.77
CA CYS A 40 -1.43 -1.34 -5.06
C CYS A 40 -0.62 -2.55 -5.49
N LEU A 41 0.63 -2.30 -5.84
CA LEU A 41 1.53 -3.36 -6.28
C LEU A 41 1.92 -4.21 -5.06
N CYS A 42 2.80 -3.66 -4.25
CA CYS A 42 3.27 -4.35 -3.06
C CYS A 42 2.05 -5.00 -2.38
N GLU A 43 2.32 -6.09 -1.68
CA GLU A 43 1.27 -6.80 -0.98
C GLU A 43 1.40 -6.58 0.53
N SER A 44 0.25 -6.28 1.14
CA SER A 44 0.22 -6.05 2.58
C SER A 44 0.11 -7.37 3.33
N GLY A 45 -0.94 -8.12 3.00
CA GLY A 45 -1.16 -9.41 3.64
C GLY A 45 -2.25 -10.19 2.90
N PRO A 46 -2.21 -11.54 3.09
CA PRO A 46 -3.19 -12.41 2.46
C PRO A 46 -4.54 -12.31 3.16
N SER A 47 -5.47 -11.61 2.51
CA SER A 47 -6.79 -11.43 3.06
C SER A 47 -7.71 -10.78 2.02
N SER A 48 -8.34 -11.63 1.23
CA SER A 48 -9.25 -11.16 0.18
C SER A 48 -10.54 -11.99 0.20
N GLY A 49 -11.65 -11.28 0.01
CA GLY A 49 -12.94 -11.93 0.00
C GLY A 49 -14.07 -10.92 0.23
N GLY A 1 1.41 -14.63 6.81
CA GLY A 1 1.94 -13.44 7.45
C GLY A 1 1.97 -13.62 8.97
N SER A 2 2.89 -12.90 9.59
CA SER A 2 3.03 -12.95 11.04
C SER A 2 2.08 -11.96 11.71
N SER A 3 2.24 -10.69 11.34
CA SER A 3 1.41 -9.64 11.89
C SER A 3 1.63 -8.34 11.11
N GLY A 4 0.51 -7.69 10.81
CA GLY A 4 0.56 -6.44 10.07
C GLY A 4 1.48 -6.55 8.86
N SER A 5 2.20 -5.47 8.59
CA SER A 5 3.12 -5.43 7.48
C SER A 5 4.10 -4.25 7.63
N SER A 6 5.08 -4.45 8.49
CA SER A 6 6.07 -3.42 8.74
C SER A 6 7.44 -3.86 8.21
N GLY A 7 7.79 -3.31 7.06
CA GLY A 7 9.06 -3.64 6.44
C GLY A 7 9.53 -2.52 5.51
N SER A 8 9.53 -2.82 4.23
CA SER A 8 9.95 -1.85 3.23
C SER A 8 9.22 -2.09 1.91
N CYS A 9 9.36 -3.31 1.40
CA CYS A 9 8.73 -3.69 0.16
C CYS A 9 9.33 -2.84 -0.96
N GLN A 10 9.03 -3.24 -2.19
CA GLN A 10 9.53 -2.53 -3.35
C GLN A 10 9.19 -1.04 -3.26
N TYR A 11 7.89 -0.76 -3.33
CA TYR A 11 7.42 0.62 -3.25
C TYR A 11 7.11 1.00 -1.80
N GLN A 12 7.04 2.31 -1.58
CA GLN A 12 6.75 2.82 -0.25
C GLN A 12 5.67 3.91 -0.33
N ASP A 13 4.45 3.51 -0.03
CA ASP A 13 3.32 4.43 -0.06
C ASP A 13 3.63 5.62 0.85
N LEU A 14 3.58 6.81 0.24
CA LEU A 14 3.85 8.03 0.98
C LEU A 14 2.75 8.24 2.02
N LEU A 15 1.57 7.73 1.71
CA LEU A 15 0.43 7.85 2.61
C LEU A 15 0.65 6.94 3.82
N SER A 16 -0.28 7.04 4.76
CA SER A 16 -0.21 6.23 5.96
C SER A 16 -1.60 5.68 6.32
N ASN A 17 -2.30 5.24 5.29
CA ASN A 17 -3.64 4.70 5.46
C ASN A 17 -4.16 4.18 4.13
N CYS A 18 -3.27 3.53 3.39
CA CYS A 18 -3.63 2.98 2.10
C CYS A 18 -4.52 1.75 2.32
N ASP A 19 -3.97 0.79 3.05
CA ASP A 19 -4.71 -0.43 3.33
C ASP A 19 -6.13 -0.07 3.79
N SER A 20 -6.20 0.69 4.87
CA SER A 20 -7.47 1.10 5.41
C SER A 20 -8.38 1.60 4.29
N LEU A 21 -7.76 2.22 3.30
CA LEU A 21 -8.50 2.75 2.16
C LEU A 21 -8.83 1.60 1.20
N LYS A 22 -7.79 0.84 0.86
CA LYS A 22 -7.95 -0.28 -0.05
C LYS A 22 -9.23 -1.04 0.30
N ASN A 23 -9.59 -0.97 1.57
CA ASN A 23 -10.79 -1.64 2.05
C ASN A 23 -11.90 -1.48 1.01
N THR A 24 -12.29 -0.23 0.80
CA THR A 24 -13.34 0.06 -0.16
C THR A 24 -12.86 1.12 -1.17
N ALA A 25 -12.18 2.12 -0.64
CA ALA A 25 -11.67 3.20 -1.47
C ALA A 25 -11.12 2.60 -2.78
N GLY A 26 -10.24 1.62 -2.61
CA GLY A 26 -9.63 0.97 -3.76
C GLY A 26 -8.64 1.89 -4.46
N CYS A 27 -7.48 1.33 -4.80
CA CYS A 27 -6.44 2.09 -5.46
C CYS A 27 -7.10 2.99 -6.52
N GLU A 28 -8.18 2.48 -7.09
CA GLU A 28 -8.90 3.22 -8.10
C GLU A 28 -9.01 4.69 -7.72
N HIS A 29 -9.08 4.92 -6.42
CA HIS A 29 -9.18 6.27 -5.89
C HIS A 29 -8.08 7.14 -6.50
N GLU A 30 -8.13 8.42 -6.16
CA GLU A 30 -7.14 9.36 -6.66
C GLU A 30 -6.09 9.66 -5.59
N LEU A 31 -6.42 9.29 -4.37
CA LEU A 31 -5.52 9.51 -3.25
C LEU A 31 -4.55 8.33 -3.14
N LEU A 32 -5.09 7.14 -3.40
CA LEU A 32 -4.29 5.93 -3.32
C LEU A 32 -4.14 5.35 -4.73
N LYS A 33 -3.92 6.24 -5.68
CA LYS A 33 -3.75 5.83 -7.07
C LYS A 33 -2.27 5.54 -7.34
N GLU A 34 -1.45 6.50 -6.96
CA GLU A 34 -0.01 6.37 -7.16
C GLU A 34 0.73 6.47 -5.81
N LYS A 35 0.23 7.36 -4.97
CA LYS A 35 0.83 7.57 -3.66
C LYS A 35 0.71 6.27 -2.85
N CYS A 36 -0.13 5.38 -3.35
CA CYS A 36 -0.34 4.10 -2.69
C CYS A 36 0.12 2.99 -3.63
N LYS A 37 1.25 3.23 -4.27
CA LYS A 37 1.81 2.27 -5.20
C LYS A 37 1.95 0.90 -4.50
N ALA A 38 2.81 0.90 -3.49
CA ALA A 38 3.05 -0.32 -2.73
C ALA A 38 1.72 -1.02 -2.46
N THR A 39 0.85 -0.30 -1.75
CA THR A 39 -0.46 -0.83 -1.41
C THR A 39 -1.12 -1.44 -2.65
N CYS A 40 -0.81 -0.85 -3.80
CA CYS A 40 -1.37 -1.32 -5.05
C CYS A 40 -0.56 -2.54 -5.51
N LEU A 41 0.70 -2.28 -5.85
CA LEU A 41 1.58 -3.34 -6.30
C LEU A 41 1.97 -4.22 -5.11
N CYS A 42 2.86 -3.70 -4.29
CA CYS A 42 3.33 -4.42 -3.12
C CYS A 42 2.11 -5.05 -2.44
N GLU A 43 2.34 -6.23 -1.87
CA GLU A 43 1.29 -6.94 -1.19
C GLU A 43 0.24 -7.43 -2.19
N SER A 44 -0.54 -8.41 -1.77
CA SER A 44 -1.57 -8.97 -2.61
C SER A 44 -0.96 -9.51 -3.91
N GLY A 45 -0.89 -10.83 -4.00
CA GLY A 45 -0.33 -11.48 -5.17
C GLY A 45 0.48 -12.71 -4.77
N PRO A 46 1.22 -13.26 -5.78
CA PRO A 46 2.04 -14.44 -5.54
C PRO A 46 3.31 -14.08 -4.76
N SER A 47 3.90 -15.10 -4.16
CA SER A 47 5.11 -14.92 -3.38
C SER A 47 6.19 -15.89 -3.84
N SER A 48 5.86 -17.17 -3.75
CA SER A 48 6.78 -18.22 -4.15
C SER A 48 6.89 -18.27 -5.68
N GLY A 49 8.13 -18.18 -6.15
CA GLY A 49 8.38 -18.21 -7.57
C GLY A 49 8.97 -19.56 -8.00
N GLY A 1 19.43 -2.03 8.96
CA GLY A 1 18.29 -1.14 8.88
C GLY A 1 17.33 -1.38 10.04
N SER A 2 16.10 -0.93 9.85
CA SER A 2 15.08 -1.08 10.88
C SER A 2 13.76 -1.50 10.24
N SER A 3 13.46 -2.79 10.32
CA SER A 3 12.24 -3.33 9.75
C SER A 3 11.83 -4.60 10.50
N GLY A 4 12.74 -5.58 10.48
CA GLY A 4 12.48 -6.84 11.14
C GLY A 4 12.21 -7.95 10.12
N SER A 5 10.93 -8.22 9.92
CA SER A 5 10.52 -9.25 8.98
C SER A 5 9.39 -8.73 8.09
N SER A 6 8.32 -8.29 8.75
CA SER A 6 7.17 -7.76 8.04
C SER A 6 7.40 -6.30 7.69
N GLY A 7 7.37 -6.02 6.38
CA GLY A 7 7.57 -4.67 5.91
C GLY A 7 8.69 -4.61 4.87
N SER A 8 9.23 -3.42 4.68
CA SER A 8 10.30 -3.22 3.72
C SER A 8 9.90 -3.80 2.36
N CYS A 9 9.17 -2.98 1.60
CA CYS A 9 8.73 -3.40 0.28
C CYS A 9 9.41 -2.52 -0.76
N GLN A 10 9.32 -2.96 -2.01
CA GLN A 10 9.93 -2.22 -3.11
C GLN A 10 9.45 -0.77 -3.10
N TYR A 11 8.16 -0.61 -3.33
CA TYR A 11 7.55 0.72 -3.36
C TYR A 11 7.14 1.15 -1.96
N GLN A 12 6.84 2.44 -1.83
CA GLN A 12 6.42 2.99 -0.55
C GLN A 12 5.17 3.85 -0.74
N ASP A 13 4.27 3.76 0.24
CA ASP A 13 3.04 4.53 0.20
C ASP A 13 3.23 5.85 0.96
N LEU A 14 3.11 6.94 0.23
CA LEU A 14 3.26 8.25 0.83
C LEU A 14 2.27 8.41 1.99
N LEU A 15 1.13 7.76 1.84
CA LEU A 15 0.10 7.80 2.86
C LEU A 15 0.27 6.62 3.81
N SER A 16 -0.50 6.65 4.89
CA SER A 16 -0.44 5.60 5.89
C SER A 16 -1.85 5.05 6.15
N ASN A 17 -2.69 5.16 5.14
CA ASN A 17 -4.07 4.68 5.25
C ASN A 17 -4.45 3.95 3.95
N CYS A 18 -3.43 3.66 3.16
CA CYS A 18 -3.66 2.97 1.89
C CYS A 18 -4.32 1.62 2.19
N ASP A 19 -3.76 0.92 3.16
CA ASP A 19 -4.29 -0.37 3.55
C ASP A 19 -5.73 -0.21 4.05
N SER A 20 -6.01 0.98 4.56
CA SER A 20 -7.33 1.28 5.08
C SER A 20 -8.25 1.69 3.93
N LEU A 21 -7.72 2.51 3.04
CA LEU A 21 -8.48 2.98 1.90
C LEU A 21 -8.74 1.80 0.95
N LYS A 22 -7.65 1.18 0.51
CA LYS A 22 -7.76 0.06 -0.39
C LYS A 22 -8.92 -0.85 0.05
N ASN A 23 -9.04 -0.99 1.36
CA ASN A 23 -10.10 -1.82 1.92
C ASN A 23 -11.39 -1.60 1.13
N THR A 24 -11.77 -0.33 1.02
CA THR A 24 -12.98 0.02 0.30
C THR A 24 -12.65 1.01 -0.83
N ALA A 25 -12.10 2.14 -0.43
CA ALA A 25 -11.73 3.17 -1.39
C ALA A 25 -11.15 2.52 -2.63
N GLY A 26 -10.14 1.68 -2.40
CA GLY A 26 -9.49 0.99 -3.50
C GLY A 26 -8.51 1.91 -4.23
N CYS A 27 -7.38 1.35 -4.62
CA CYS A 27 -6.36 2.11 -5.33
C CYS A 27 -7.07 3.01 -6.36
N GLU A 28 -8.15 2.49 -6.90
CA GLU A 28 -8.92 3.23 -7.88
C GLU A 28 -8.98 4.72 -7.51
N HIS A 29 -9.00 4.96 -6.22
CA HIS A 29 -9.05 6.33 -5.71
C HIS A 29 -7.97 7.17 -6.39
N GLU A 30 -7.94 8.44 -6.04
CA GLU A 30 -6.97 9.36 -6.61
C GLU A 30 -5.85 9.63 -5.62
N LEU A 31 -6.17 9.46 -4.35
CA LEU A 31 -5.20 9.68 -3.28
C LEU A 31 -4.28 8.47 -3.19
N LEU A 32 -4.88 7.29 -3.37
CA LEU A 32 -4.13 6.05 -3.30
C LEU A 32 -4.05 5.43 -4.70
N LYS A 33 -3.87 6.30 -5.69
CA LYS A 33 -3.77 5.85 -7.06
C LYS A 33 -2.31 5.51 -7.38
N GLU A 34 -1.43 6.45 -7.06
CA GLU A 34 -0.01 6.26 -7.31
C GLU A 34 0.78 6.39 -6.00
N LYS A 35 0.34 7.33 -5.17
CA LYS A 35 0.99 7.56 -3.89
C LYS A 35 0.91 6.29 -3.05
N CYS A 36 -0.02 5.42 -3.43
CA CYS A 36 -0.21 4.17 -2.71
C CYS A 36 0.19 3.02 -3.63
N LYS A 37 1.39 3.15 -4.18
CA LYS A 37 1.91 2.13 -5.09
C LYS A 37 1.91 0.77 -4.37
N ALA A 38 2.69 0.69 -3.32
CA ALA A 38 2.78 -0.54 -2.55
C ALA A 38 1.39 -1.16 -2.42
N THR A 39 0.53 -0.47 -1.68
CA THR A 39 -0.83 -0.95 -1.47
C THR A 39 -1.39 -1.53 -2.77
N CYS A 40 -0.98 -0.94 -3.88
CA CYS A 40 -1.43 -1.38 -5.18
C CYS A 40 -0.59 -2.60 -5.59
N LEU A 41 0.69 -2.33 -5.84
CA LEU A 41 1.60 -3.38 -6.25
C LEU A 41 1.91 -4.27 -5.04
N CYS A 42 2.74 -3.74 -4.15
CA CYS A 42 3.12 -4.47 -2.96
C CYS A 42 1.85 -4.98 -2.28
N GLU A 43 1.62 -6.27 -2.43
CA GLU A 43 0.45 -6.90 -1.85
C GLU A 43 0.85 -8.13 -1.02
N SER A 44 0.27 -8.21 0.16
CA SER A 44 0.56 -9.32 1.06
C SER A 44 -0.26 -9.20 2.34
N GLY A 45 -0.69 -10.34 2.86
CA GLY A 45 -1.48 -10.37 4.07
C GLY A 45 -0.81 -11.21 5.14
N PRO A 46 -0.97 -12.56 5.01
CA PRO A 46 -0.39 -13.49 5.96
C PRO A 46 1.12 -13.63 5.74
N SER A 47 1.81 -14.00 6.80
CA SER A 47 3.25 -14.17 6.74
C SER A 47 3.68 -15.35 7.60
N SER A 48 3.40 -15.24 8.88
CA SER A 48 3.74 -16.30 9.82
C SER A 48 2.87 -16.19 11.07
N GLY A 49 2.08 -17.23 11.29
CA GLY A 49 1.19 -17.27 12.45
C GLY A 49 0.17 -16.13 12.39
N GLY A 1 5.41 -22.51 4.91
CA GLY A 1 4.33 -21.74 5.50
C GLY A 1 4.89 -20.58 6.35
N SER A 2 4.31 -19.40 6.14
CA SER A 2 4.74 -18.23 6.88
C SER A 2 6.19 -17.90 6.54
N SER A 3 6.51 -16.61 6.58
CA SER A 3 7.85 -16.16 6.27
C SER A 3 8.17 -14.91 7.09
N GLY A 4 7.35 -13.88 6.89
CA GLY A 4 7.53 -12.62 7.59
C GLY A 4 6.97 -11.45 6.79
N SER A 5 5.78 -11.02 7.18
CA SER A 5 5.13 -9.92 6.51
C SER A 5 5.61 -8.59 7.09
N SER A 6 5.27 -7.51 6.39
CA SER A 6 5.66 -6.18 6.82
C SER A 6 7.19 -6.03 6.74
N GLY A 7 7.62 -5.23 5.79
CA GLY A 7 9.04 -4.99 5.59
C GLY A 7 9.28 -4.02 4.43
N SER A 8 10.56 -3.79 4.16
CA SER A 8 10.93 -2.89 3.08
C SER A 8 10.49 -3.47 1.73
N CYS A 9 9.55 -2.78 1.11
CA CYS A 9 9.03 -3.22 -0.17
C CYS A 9 9.71 -2.38 -1.26
N GLN A 10 9.40 -2.73 -2.50
CA GLN A 10 9.97 -2.03 -3.64
C GLN A 10 9.57 -0.55 -3.61
N TYR A 11 8.28 -0.31 -3.76
CA TYR A 11 7.77 1.04 -3.74
C TYR A 11 7.43 1.49 -2.32
N GLN A 12 7.16 2.78 -2.19
CA GLN A 12 6.82 3.35 -0.89
C GLN A 12 5.47 4.05 -0.95
N ASP A 13 4.72 3.92 0.13
CA ASP A 13 3.41 4.54 0.21
C ASP A 13 3.54 5.91 0.90
N LEU A 14 3.18 6.94 0.16
CA LEU A 14 3.24 8.29 0.69
C LEU A 14 2.24 8.45 1.83
N LEU A 15 1.12 7.76 1.68
CA LEU A 15 0.07 7.81 2.69
C LEU A 15 0.40 6.82 3.80
N SER A 16 -0.60 6.55 4.63
CA SER A 16 -0.45 5.63 5.74
C SER A 16 -1.63 4.67 5.80
N ASN A 17 -2.82 5.25 5.68
CA ASN A 17 -4.04 4.45 5.73
C ASN A 17 -4.38 3.97 4.32
N CYS A 18 -3.36 3.52 3.60
CA CYS A 18 -3.53 3.03 2.25
C CYS A 18 -4.51 1.86 2.29
N ASP A 19 -4.04 0.77 2.89
CA ASP A 19 -4.86 -0.43 2.99
C ASP A 19 -6.28 -0.04 3.41
N SER A 20 -6.39 0.48 4.64
CA SER A 20 -7.67 0.90 5.16
C SER A 20 -8.50 1.57 4.06
N LEU A 21 -7.81 2.36 3.25
CA LEU A 21 -8.46 3.07 2.16
C LEU A 21 -8.78 2.08 1.03
N LYS A 22 -7.77 1.31 0.66
CA LYS A 22 -7.92 0.33 -0.40
C LYS A 22 -9.11 -0.58 -0.07
N ASN A 23 -9.27 -0.86 1.21
CA ASN A 23 -10.35 -1.70 1.66
C ASN A 23 -11.62 -1.36 0.88
N THR A 24 -12.08 -0.14 1.06
CA THR A 24 -13.27 0.32 0.37
C THR A 24 -12.90 1.23 -0.81
N ALA A 25 -12.33 2.38 -0.48
CA ALA A 25 -11.92 3.33 -1.49
C ALA A 25 -11.31 2.58 -2.68
N GLY A 26 -10.29 1.80 -2.36
CA GLY A 26 -9.60 1.02 -3.39
C GLY A 26 -8.59 1.89 -4.15
N CYS A 27 -7.47 1.28 -4.48
CA CYS A 27 -6.41 1.97 -5.21
C CYS A 27 -7.06 2.84 -6.28
N GLU A 28 -8.21 2.37 -6.78
CA GLU A 28 -8.94 3.09 -7.81
C GLU A 28 -8.98 4.59 -7.47
N HIS A 29 -9.00 4.87 -6.18
CA HIS A 29 -9.04 6.24 -5.72
C HIS A 29 -7.96 7.06 -6.42
N GLU A 30 -7.91 8.34 -6.09
CA GLU A 30 -6.93 9.24 -6.69
C GLU A 30 -5.83 9.56 -5.69
N LEU A 31 -6.14 9.32 -4.42
CA LEU A 31 -5.18 9.58 -3.35
C LEU A 31 -4.28 8.36 -3.17
N LEU A 32 -4.87 7.20 -3.37
CA LEU A 32 -4.13 5.94 -3.24
C LEU A 32 -4.03 5.28 -4.61
N LYS A 33 -3.75 6.09 -5.62
CA LYS A 33 -3.62 5.60 -6.98
C LYS A 33 -2.14 5.33 -7.28
N GLU A 34 -1.32 6.33 -6.98
CA GLU A 34 0.10 6.21 -7.21
C GLU A 34 0.87 6.33 -5.89
N LYS A 35 0.36 7.19 -5.02
CA LYS A 35 0.97 7.40 -3.73
C LYS A 35 0.89 6.11 -2.91
N CYS A 36 -0.10 5.29 -3.25
CA CYS A 36 -0.30 4.04 -2.56
C CYS A 36 0.15 2.90 -3.49
N LYS A 37 1.19 3.18 -4.25
CA LYS A 37 1.72 2.20 -5.19
C LYS A 37 1.91 0.87 -4.45
N ALA A 38 2.80 0.89 -3.47
CA ALA A 38 3.09 -0.31 -2.70
C ALA A 38 1.78 -1.05 -2.41
N THR A 39 0.91 -0.38 -1.67
CA THR A 39 -0.37 -0.97 -1.31
C THR A 39 -1.05 -1.56 -2.56
N CYS A 40 -0.81 -0.90 -3.68
CA CYS A 40 -1.39 -1.35 -4.94
C CYS A 40 -0.59 -2.56 -5.43
N LEU A 41 0.64 -2.29 -5.84
CA LEU A 41 1.52 -3.34 -6.34
C LEU A 41 1.97 -4.21 -5.16
N CYS A 42 2.89 -3.66 -4.38
CA CYS A 42 3.42 -4.37 -3.23
C CYS A 42 2.24 -5.04 -2.49
N GLU A 43 2.18 -6.36 -2.61
CA GLU A 43 1.12 -7.12 -1.97
C GLU A 43 1.54 -7.52 -0.55
N SER A 44 0.62 -7.32 0.38
CA SER A 44 0.88 -7.66 1.76
C SER A 44 0.22 -9.00 2.12
N GLY A 45 -1.10 -9.03 1.94
CA GLY A 45 -1.85 -10.24 2.23
C GLY A 45 -3.04 -10.38 1.27
N PRO A 46 -3.59 -11.62 1.22
CA PRO A 46 -4.73 -11.90 0.36
C PRO A 46 -6.02 -11.32 0.95
N SER A 47 -6.65 -10.45 0.17
CA SER A 47 -7.88 -9.83 0.60
C SER A 47 -8.64 -9.26 -0.61
N SER A 48 -9.60 -10.05 -1.08
CA SER A 48 -10.40 -9.65 -2.23
C SER A 48 -11.63 -8.87 -1.75
N GLY A 49 -12.22 -8.13 -2.69
CA GLY A 49 -13.41 -7.35 -2.38
C GLY A 49 -14.09 -6.88 -3.67
N GLY A 1 16.54 8.85 10.77
CA GLY A 1 15.14 9.15 10.56
C GLY A 1 14.30 7.88 10.48
N SER A 2 13.81 7.61 9.28
CA SER A 2 13.00 6.43 9.04
C SER A 2 11.66 6.57 9.77
N SER A 3 11.73 6.48 11.10
CA SER A 3 10.54 6.60 11.92
C SER A 3 9.49 5.57 11.47
N GLY A 4 9.56 4.41 12.10
CA GLY A 4 8.62 3.34 11.78
C GLY A 4 9.11 2.54 10.56
N SER A 5 9.08 1.22 10.72
CA SER A 5 9.51 0.34 9.65
C SER A 5 8.53 -0.83 9.50
N SER A 6 7.94 -0.92 8.33
CA SER A 6 6.98 -1.98 8.05
C SER A 6 7.52 -2.90 6.95
N GLY A 7 8.32 -3.86 7.35
CA GLY A 7 8.91 -4.80 6.42
C GLY A 7 9.87 -4.09 5.46
N SER A 8 9.59 -4.24 4.17
CA SER A 8 10.42 -3.63 3.15
C SER A 8 9.86 -3.95 1.76
N CYS A 9 9.73 -2.90 0.97
CA CYS A 9 9.20 -3.05 -0.39
C CYS A 9 9.83 -1.97 -1.26
N GLN A 10 9.98 -2.30 -2.54
CA GLN A 10 10.56 -1.37 -3.49
C GLN A 10 9.85 -0.02 -3.42
N TYR A 11 8.56 -0.04 -3.74
CA TYR A 11 7.76 1.18 -3.71
C TYR A 11 7.38 1.54 -2.28
N GLN A 12 7.14 2.83 -2.08
CA GLN A 12 6.77 3.33 -0.77
C GLN A 12 5.48 4.15 -0.86
N ASP A 13 4.63 3.98 0.15
CA ASP A 13 3.38 4.70 0.20
C ASP A 13 3.53 5.96 1.05
N LEU A 14 3.04 7.07 0.52
CA LEU A 14 3.13 8.34 1.21
C LEU A 14 2.10 8.36 2.35
N LEU A 15 0.92 7.82 2.04
CA LEU A 15 -0.16 7.78 3.01
C LEU A 15 0.24 6.85 4.17
N SER A 16 -0.59 6.86 5.20
CA SER A 16 -0.34 6.03 6.37
C SER A 16 -1.58 5.20 6.70
N ASN A 17 -2.24 4.75 5.65
CA ASN A 17 -3.45 3.94 5.82
C ASN A 17 -3.97 3.53 4.45
N CYS A 18 -3.04 3.24 3.55
CA CYS A 18 -3.39 2.82 2.21
C CYS A 18 -4.31 1.61 2.30
N ASP A 19 -3.94 0.69 3.18
CA ASP A 19 -4.71 -0.52 3.38
C ASP A 19 -6.15 -0.14 3.76
N SER A 20 -6.25 0.71 4.76
CA SER A 20 -7.55 1.15 5.24
C SER A 20 -8.33 1.79 4.09
N LEU A 21 -7.59 2.40 3.17
CA LEU A 21 -8.21 3.05 2.03
C LEU A 21 -8.63 1.98 1.01
N LYS A 22 -7.64 1.23 0.55
CA LYS A 22 -7.89 0.17 -0.42
C LYS A 22 -9.04 -0.70 0.07
N ASN A 23 -9.25 -0.68 1.37
CA ASN A 23 -10.32 -1.46 1.98
C ASN A 23 -11.59 -1.31 1.15
N THR A 24 -12.08 -0.08 1.10
CA THR A 24 -13.29 0.20 0.35
C THR A 24 -12.97 1.14 -0.81
N ALA A 25 -12.29 2.23 -0.50
CA ALA A 25 -11.92 3.21 -1.51
C ALA A 25 -11.35 2.48 -2.74
N GLY A 26 -10.25 1.77 -2.50
CA GLY A 26 -9.60 1.02 -3.56
C GLY A 26 -8.61 1.91 -4.32
N CYS A 27 -7.47 1.31 -4.66
CA CYS A 27 -6.44 2.02 -5.38
C CYS A 27 -7.11 2.89 -6.45
N GLU A 28 -8.23 2.40 -6.94
CA GLU A 28 -8.98 3.11 -7.96
C GLU A 28 -9.00 4.62 -7.65
N HIS A 29 -9.05 4.92 -6.36
CA HIS A 29 -9.07 6.31 -5.92
C HIS A 29 -7.96 7.08 -6.62
N GLU A 30 -7.91 8.37 -6.31
CA GLU A 30 -6.90 9.24 -6.90
C GLU A 30 -5.80 9.55 -5.86
N LEU A 31 -6.16 9.36 -4.61
CA LEU A 31 -5.22 9.61 -3.52
C LEU A 31 -4.32 8.39 -3.33
N LEU A 32 -4.90 7.23 -3.57
CA LEU A 32 -4.16 5.99 -3.43
C LEU A 32 -4.06 5.30 -4.80
N LYS A 33 -3.75 6.11 -5.80
CA LYS A 33 -3.62 5.60 -7.16
C LYS A 33 -2.15 5.32 -7.46
N GLU A 34 -1.31 6.32 -7.18
CA GLU A 34 0.11 6.20 -7.41
C GLU A 34 0.87 6.33 -6.09
N LYS A 35 0.35 7.18 -5.22
CA LYS A 35 0.97 7.40 -3.92
C LYS A 35 0.87 6.12 -3.10
N CYS A 36 -0.12 5.31 -3.42
CA CYS A 36 -0.34 4.06 -2.71
C CYS A 36 0.13 2.92 -3.62
N LYS A 37 1.24 3.16 -4.31
CA LYS A 37 1.80 2.16 -5.20
C LYS A 37 1.91 0.82 -4.47
N ALA A 38 2.64 0.84 -3.37
CA ALA A 38 2.84 -0.36 -2.58
C ALA A 38 1.50 -1.08 -2.42
N THR A 39 0.62 -0.47 -1.66
CA THR A 39 -0.70 -1.04 -1.42
C THR A 39 -1.27 -1.61 -2.72
N CYS A 40 -1.02 -0.91 -3.81
CA CYS A 40 -1.49 -1.34 -5.11
C CYS A 40 -0.67 -2.56 -5.55
N LEU A 41 0.55 -2.29 -5.96
CA LEU A 41 1.44 -3.35 -6.41
C LEU A 41 1.88 -4.18 -5.19
N CYS A 42 2.77 -3.60 -4.40
CA CYS A 42 3.27 -4.27 -3.22
C CYS A 42 2.09 -4.93 -2.50
N GLU A 43 2.40 -5.92 -1.69
CA GLU A 43 1.38 -6.64 -0.94
C GLU A 43 0.71 -7.68 -1.83
N SER A 44 0.10 -7.19 -2.89
CA SER A 44 -0.59 -8.08 -3.83
C SER A 44 -0.50 -7.51 -5.25
N GLY A 45 0.31 -8.16 -6.06
CA GLY A 45 0.48 -7.73 -7.44
C GLY A 45 1.18 -8.82 -8.27
N PRO A 46 1.51 -8.46 -9.54
CA PRO A 46 2.17 -9.38 -10.44
C PRO A 46 3.65 -9.53 -10.07
N SER A 47 3.88 -9.93 -8.83
CA SER A 47 5.24 -10.11 -8.34
C SER A 47 5.70 -11.55 -8.60
N SER A 48 4.94 -12.48 -8.04
CA SER A 48 5.26 -13.89 -8.20
C SER A 48 6.72 -14.15 -7.81
N GLY A 49 6.90 -14.56 -6.56
CA GLY A 49 8.22 -14.84 -6.05
C GLY A 49 8.56 -13.95 -4.84
N GLY A 1 13.47 11.55 9.41
CA GLY A 1 13.52 11.13 8.02
C GLY A 1 14.21 9.77 7.89
N SER A 2 14.03 9.17 6.71
CA SER A 2 14.62 7.87 6.45
C SER A 2 14.02 6.81 7.37
N SER A 3 13.65 5.69 6.77
CA SER A 3 13.06 4.60 7.53
C SER A 3 11.73 5.04 8.14
N GLY A 4 10.72 4.20 7.97
CA GLY A 4 9.40 4.50 8.49
C GLY A 4 9.15 3.75 9.80
N SER A 5 8.01 3.08 9.86
CA SER A 5 7.65 2.33 11.05
C SER A 5 7.95 0.84 10.83
N SER A 6 7.31 0.30 9.81
CA SER A 6 7.49 -1.11 9.48
C SER A 6 6.89 -1.42 8.11
N GLY A 7 7.51 -2.36 7.42
CA GLY A 7 7.05 -2.76 6.10
C GLY A 7 8.22 -3.24 5.24
N SER A 8 8.85 -2.28 4.57
CA SER A 8 9.97 -2.59 3.70
C SER A 8 9.50 -3.40 2.50
N CYS A 9 9.14 -2.70 1.44
CA CYS A 9 8.67 -3.34 0.22
C CYS A 9 9.24 -2.57 -0.97
N GLN A 10 9.13 -3.20 -2.14
CA GLN A 10 9.62 -2.59 -3.36
C GLN A 10 9.31 -1.08 -3.37
N TYR A 11 8.04 -0.78 -3.25
CA TYR A 11 7.59 0.61 -3.23
C TYR A 11 7.20 1.04 -1.82
N GLN A 12 6.85 2.32 -1.70
CA GLN A 12 6.47 2.88 -0.42
C GLN A 12 5.46 4.01 -0.62
N ASP A 13 4.33 3.88 0.07
CA ASP A 13 3.28 4.89 -0.02
C ASP A 13 3.61 6.05 0.93
N LEU A 14 3.19 7.23 0.51
CA LEU A 14 3.43 8.43 1.31
C LEU A 14 2.41 8.49 2.44
N LEU A 15 1.24 7.94 2.18
CA LEU A 15 0.18 7.92 3.17
C LEU A 15 0.48 6.86 4.22
N SER A 16 -0.37 6.82 5.24
CA SER A 16 -0.21 5.86 6.31
C SER A 16 -1.54 5.16 6.59
N ASN A 17 -2.34 5.02 5.55
CA ASN A 17 -3.62 4.37 5.66
C ASN A 17 -4.11 3.94 4.28
N CYS A 18 -3.15 3.61 3.43
CA CYS A 18 -3.46 3.17 2.08
C CYS A 18 -4.32 1.91 2.16
N ASP A 19 -3.75 0.88 2.75
CA ASP A 19 -4.45 -0.38 2.90
C ASP A 19 -5.89 -0.12 3.33
N SER A 20 -6.04 0.38 4.54
CA SER A 20 -7.36 0.69 5.07
C SER A 20 -8.24 1.30 3.98
N LEU A 21 -7.67 2.24 3.25
CA LEU A 21 -8.38 2.90 2.17
C LEU A 21 -8.66 1.90 1.06
N LYS A 22 -7.57 1.41 0.46
CA LYS A 22 -7.69 0.44 -0.62
C LYS A 22 -8.79 -0.56 -0.28
N ASN A 23 -8.86 -0.91 1.00
CA ASN A 23 -9.87 -1.86 1.46
C ASN A 23 -11.22 -1.50 0.85
N THR A 24 -11.63 -0.26 1.08
CA THR A 24 -12.89 0.22 0.56
C THR A 24 -12.66 1.11 -0.66
N ALA A 25 -12.15 2.31 -0.40
CA ALA A 25 -11.89 3.26 -1.47
C ALA A 25 -11.31 2.51 -2.68
N GLY A 26 -10.20 1.82 -2.43
CA GLY A 26 -9.54 1.07 -3.48
C GLY A 26 -8.56 1.96 -4.25
N CYS A 27 -7.43 1.37 -4.59
CA CYS A 27 -6.40 2.09 -5.33
C CYS A 27 -7.09 2.92 -6.42
N GLU A 28 -8.21 2.40 -6.90
CA GLU A 28 -8.97 3.08 -7.93
C GLU A 28 -9.05 4.58 -7.63
N HIS A 29 -9.04 4.89 -6.34
CA HIS A 29 -9.11 6.28 -5.91
C HIS A 29 -8.06 7.11 -6.67
N GLU A 30 -8.03 8.40 -6.34
CA GLU A 30 -7.09 9.30 -6.98
C GLU A 30 -5.95 9.64 -6.01
N LEU A 31 -6.20 9.39 -4.74
CA LEU A 31 -5.22 9.66 -3.71
C LEU A 31 -4.32 8.43 -3.53
N LEU A 32 -4.96 7.27 -3.51
CA LEU A 32 -4.24 6.02 -3.34
C LEU A 32 -4.12 5.33 -4.70
N LYS A 33 -3.94 6.14 -5.73
CA LYS A 33 -3.80 5.62 -7.08
C LYS A 33 -2.33 5.30 -7.35
N GLU A 34 -1.47 6.26 -7.06
CA GLU A 34 -0.04 6.09 -7.26
C GLU A 34 0.70 6.26 -5.94
N LYS A 35 0.24 7.20 -5.15
CA LYS A 35 0.86 7.47 -3.85
C LYS A 35 0.75 6.21 -2.98
N CYS A 36 -0.19 5.35 -3.34
CA CYS A 36 -0.40 4.12 -2.60
C CYS A 36 0.00 2.94 -3.50
N LYS A 37 1.08 3.16 -4.25
CA LYS A 37 1.58 2.12 -5.15
C LYS A 37 1.72 0.81 -4.37
N ALA A 38 2.52 0.87 -3.32
CA ALA A 38 2.75 -0.31 -2.49
C ALA A 38 1.44 -1.07 -2.32
N THR A 39 0.50 -0.41 -1.66
CA THR A 39 -0.81 -1.00 -1.41
C THR A 39 -1.38 -1.58 -2.71
N CYS A 40 -1.07 -0.92 -3.81
CA CYS A 40 -1.55 -1.34 -5.11
C CYS A 40 -0.74 -2.58 -5.54
N LEU A 41 0.53 -2.34 -5.83
CA LEU A 41 1.41 -3.43 -6.25
C LEU A 41 1.74 -4.30 -5.04
N CYS A 42 2.61 -3.79 -4.18
CA CYS A 42 3.01 -4.51 -2.99
C CYS A 42 1.75 -5.08 -2.33
N GLU A 43 1.61 -6.41 -2.46
CA GLU A 43 0.46 -7.09 -1.89
C GLU A 43 0.83 -7.70 -0.53
N SER A 44 0.76 -6.87 0.50
CA SER A 44 1.08 -7.31 1.84
C SER A 44 -0.19 -7.37 2.69
N GLY A 45 -0.85 -8.51 2.64
CA GLY A 45 -2.08 -8.71 3.40
C GLY A 45 -2.49 -10.18 3.39
N PRO A 46 -3.23 -10.56 2.32
CA PRO A 46 -3.70 -11.93 2.17
C PRO A 46 -2.55 -12.86 1.76
N SER A 47 -2.07 -13.62 2.74
CA SER A 47 -0.98 -14.55 2.49
C SER A 47 -1.46 -15.98 2.73
N SER A 48 -1.56 -16.72 1.63
CA SER A 48 -2.00 -18.10 1.70
C SER A 48 -0.79 -19.04 1.66
N GLY A 49 -0.96 -20.19 2.30
CA GLY A 49 0.11 -21.17 2.35
C GLY A 49 1.38 -20.58 2.95
N GLY A 1 17.12 4.63 17.66
CA GLY A 1 18.06 5.69 17.31
C GLY A 1 17.36 6.78 16.50
N SER A 2 17.44 6.63 15.18
CA SER A 2 16.84 7.60 14.28
C SER A 2 16.05 6.86 13.19
N SER A 3 14.83 7.36 12.97
CA SER A 3 13.97 6.76 11.96
C SER A 3 13.71 5.29 12.30
N GLY A 4 12.72 4.73 11.62
CA GLY A 4 12.35 3.34 11.83
C GLY A 4 11.38 2.85 10.76
N SER A 5 11.95 2.40 9.65
CA SER A 5 11.15 1.91 8.54
C SER A 5 11.22 0.37 8.49
N SER A 6 10.31 -0.25 9.21
CA SER A 6 10.26 -1.71 9.26
C SER A 6 9.04 -2.20 8.47
N GLY A 7 9.34 -2.84 7.34
CA GLY A 7 8.28 -3.37 6.49
C GLY A 7 8.84 -3.86 5.15
N SER A 8 7.97 -4.45 4.36
CA SER A 8 8.36 -4.96 3.06
C SER A 8 7.34 -4.55 2.00
N CYS A 9 7.78 -3.67 1.12
CA CYS A 9 6.92 -3.20 0.05
C CYS A 9 7.80 -2.71 -1.11
N GLN A 10 7.66 -3.39 -2.24
CA GLN A 10 8.44 -3.04 -3.41
C GLN A 10 8.54 -1.53 -3.55
N TYR A 11 7.41 -0.86 -3.40
CA TYR A 11 7.35 0.58 -3.50
C TYR A 11 7.15 1.22 -2.12
N GLN A 12 6.90 2.52 -2.15
CA GLN A 12 6.69 3.27 -0.92
C GLN A 12 5.35 4.01 -0.98
N ASP A 13 4.66 4.01 0.15
CA ASP A 13 3.37 4.68 0.24
C ASP A 13 3.54 6.01 0.96
N LEU A 14 3.11 7.08 0.30
CA LEU A 14 3.22 8.41 0.87
C LEU A 14 2.28 8.52 2.07
N LEU A 15 1.09 7.95 1.90
CA LEU A 15 0.09 7.98 2.96
C LEU A 15 0.51 7.02 4.07
N SER A 16 -0.49 6.41 4.68
CA SER A 16 -0.25 5.47 5.76
C SER A 16 -1.39 4.43 5.84
N ASN A 17 -2.60 4.96 5.75
CA ASN A 17 -3.78 4.11 5.81
C ASN A 17 -4.20 3.71 4.39
N CYS A 18 -3.19 3.53 3.55
CA CYS A 18 -3.43 3.14 2.17
C CYS A 18 -4.36 1.93 2.16
N ASP A 19 -3.89 0.85 2.78
CA ASP A 19 -4.67 -0.37 2.84
C ASP A 19 -6.10 -0.03 3.27
N SER A 20 -6.23 0.44 4.49
CA SER A 20 -7.53 0.80 5.03
C SER A 20 -8.38 1.47 3.95
N LEU A 21 -7.72 2.34 3.18
CA LEU A 21 -8.39 3.06 2.11
C LEU A 21 -8.73 2.07 0.99
N LYS A 22 -7.72 1.38 0.51
CA LYS A 22 -7.90 0.41 -0.55
C LYS A 22 -8.93 -0.63 -0.12
N ASN A 23 -9.11 -0.73 1.19
CA ASN A 23 -10.05 -1.68 1.74
C ASN A 23 -11.45 -1.40 1.17
N THR A 24 -11.70 -0.12 0.90
CA THR A 24 -12.97 0.28 0.34
C THR A 24 -12.77 1.16 -0.89
N ALA A 25 -12.37 2.39 -0.64
CA ALA A 25 -12.13 3.34 -1.72
C ALA A 25 -11.43 2.62 -2.88
N GLY A 26 -10.51 1.74 -2.52
CA GLY A 26 -9.77 0.98 -3.52
C GLY A 26 -8.74 1.86 -4.21
N CYS A 27 -7.60 1.25 -4.54
CA CYS A 27 -6.53 1.96 -5.21
C CYS A 27 -7.15 2.86 -6.28
N GLU A 28 -8.25 2.38 -6.85
CA GLU A 28 -8.94 3.14 -7.88
C GLU A 28 -8.99 4.62 -7.51
N HIS A 29 -9.00 4.88 -6.21
CA HIS A 29 -9.05 6.24 -5.71
C HIS A 29 -7.99 7.08 -6.41
N GLU A 30 -7.97 8.36 -6.07
CA GLU A 30 -7.02 9.28 -6.67
C GLU A 30 -5.90 9.61 -5.67
N LEU A 31 -6.16 9.24 -4.42
CA LEU A 31 -5.18 9.48 -3.37
C LEU A 31 -4.25 8.27 -3.24
N LEU A 32 -4.85 7.10 -3.38
CA LEU A 32 -4.08 5.86 -3.29
C LEU A 32 -3.98 5.23 -4.69
N LYS A 33 -3.82 6.10 -5.68
CA LYS A 33 -3.70 5.64 -7.05
C LYS A 33 -2.23 5.33 -7.37
N GLU A 34 -1.38 6.30 -7.05
CA GLU A 34 0.04 6.16 -7.29
C GLU A 34 0.82 6.30 -5.98
N LYS A 35 0.35 7.23 -5.15
CA LYS A 35 1.00 7.46 -3.86
C LYS A 35 0.95 6.19 -3.03
N CYS A 36 0.01 5.32 -3.38
CA CYS A 36 -0.15 4.06 -2.68
C CYS A 36 0.25 2.93 -3.61
N LYS A 37 1.34 3.16 -4.35
CA LYS A 37 1.84 2.17 -5.28
C LYS A 37 2.08 0.86 -4.54
N ALA A 38 2.51 0.99 -3.29
CA ALA A 38 2.79 -0.18 -2.48
C ALA A 38 1.48 -0.93 -2.21
N THR A 39 0.59 -0.24 -1.51
CA THR A 39 -0.71 -0.83 -1.17
C THR A 39 -1.38 -1.40 -2.42
N CYS A 40 -0.93 -0.91 -3.57
CA CYS A 40 -1.47 -1.35 -4.84
C CYS A 40 -0.65 -2.55 -5.32
N LEU A 41 0.60 -2.26 -5.67
CA LEU A 41 1.51 -3.29 -6.15
C LEU A 41 1.89 -4.20 -4.97
N CYS A 42 2.74 -3.66 -4.11
CA CYS A 42 3.20 -4.41 -2.95
C CYS A 42 2.01 -5.20 -2.39
N GLU A 43 1.02 -4.46 -1.92
CA GLU A 43 -0.17 -5.07 -1.36
C GLU A 43 -1.19 -5.37 -2.46
N SER A 44 -0.95 -6.48 -3.15
CA SER A 44 -1.84 -6.89 -4.22
C SER A 44 -3.30 -6.84 -3.76
N GLY A 45 -4.18 -6.51 -4.68
CA GLY A 45 -5.59 -6.42 -4.37
C GLY A 45 -6.11 -7.74 -3.84
N PRO A 46 -7.25 -7.65 -3.09
CA PRO A 46 -7.86 -8.84 -2.51
C PRO A 46 -8.59 -9.67 -3.58
N SER A 47 -7.82 -10.07 -4.59
CA SER A 47 -8.37 -10.86 -5.67
C SER A 47 -9.54 -10.12 -6.32
N SER A 48 -10.09 -10.74 -7.36
CA SER A 48 -11.21 -10.16 -8.06
C SER A 48 -10.92 -8.69 -8.40
N GLY A 49 -11.94 -8.03 -8.93
CA GLY A 49 -11.80 -6.62 -9.29
C GLY A 49 -13.15 -6.03 -9.69
N GLY A 1 13.62 3.87 17.93
CA GLY A 1 12.84 5.04 17.60
C GLY A 1 13.00 5.40 16.12
N SER A 2 14.23 5.79 15.77
CA SER A 2 14.53 6.16 14.40
C SER A 2 14.90 4.92 13.59
N SER A 3 15.95 4.25 14.05
CA SER A 3 16.42 3.04 13.39
C SER A 3 16.61 3.32 11.89
N GLY A 4 17.84 3.61 11.53
CA GLY A 4 18.16 3.91 10.15
C GLY A 4 17.47 2.92 9.20
N SER A 5 16.49 3.42 8.47
CA SER A 5 15.74 2.59 7.54
C SER A 5 16.04 3.03 6.10
N SER A 6 15.75 2.14 5.18
CA SER A 6 15.99 2.41 3.76
C SER A 6 14.71 2.14 2.97
N GLY A 7 14.24 0.91 3.04
CA GLY A 7 13.04 0.52 2.32
C GLY A 7 12.69 -0.94 2.60
N SER A 8 11.42 -1.17 2.92
CA SER A 8 10.94 -2.51 3.20
C SER A 8 10.36 -3.14 1.93
N CYS A 9 9.31 -2.50 1.42
CA CYS A 9 8.67 -2.99 0.22
C CYS A 9 9.25 -2.25 -0.98
N GLN A 10 9.23 -2.92 -2.12
CA GLN A 10 9.75 -2.33 -3.35
C GLN A 10 9.30 -0.88 -3.48
N TYR A 11 7.99 -0.70 -3.54
CA TYR A 11 7.42 0.63 -3.67
C TYR A 11 7.10 1.22 -2.31
N GLN A 12 7.04 2.55 -2.26
CA GLN A 12 6.75 3.25 -1.02
C GLN A 12 5.51 4.12 -1.19
N ASP A 13 4.66 4.10 -0.17
CA ASP A 13 3.44 4.88 -0.21
C ASP A 13 3.64 6.15 0.64
N LEU A 14 3.07 7.25 0.15
CA LEU A 14 3.18 8.51 0.84
C LEU A 14 2.19 8.54 2.00
N LEU A 15 1.07 7.86 1.81
CA LEU A 15 0.05 7.79 2.83
C LEU A 15 0.50 6.87 3.96
N SER A 16 -0.42 6.58 4.86
CA SER A 16 -0.11 5.71 5.99
C SER A 16 -1.14 4.58 6.07
N ASN A 17 -2.40 4.96 5.89
CA ASN A 17 -3.49 3.99 5.93
C ASN A 17 -3.97 3.71 4.51
N CYS A 18 -3.07 3.19 3.70
CA CYS A 18 -3.40 2.86 2.32
C CYS A 18 -4.42 1.72 2.32
N ASP A 19 -4.00 0.60 2.89
CA ASP A 19 -4.87 -0.56 2.97
C ASP A 19 -6.27 -0.13 3.40
N SER A 20 -6.35 0.35 4.64
CA SER A 20 -7.61 0.79 5.19
C SER A 20 -8.42 1.54 4.12
N LEU A 21 -7.69 2.32 3.32
CA LEU A 21 -8.33 3.08 2.26
C LEU A 21 -8.69 2.14 1.10
N LYS A 22 -7.66 1.53 0.55
CA LYS A 22 -7.85 0.60 -0.56
C LYS A 22 -8.97 -0.38 -0.21
N ASN A 23 -9.16 -0.59 1.08
CA ASN A 23 -10.19 -1.49 1.55
C ASN A 23 -11.49 -1.20 0.82
N THR A 24 -12.02 -0.01 1.06
CA THR A 24 -13.26 0.42 0.43
C THR A 24 -12.97 1.22 -0.83
N ALA A 25 -12.48 2.43 -0.63
CA ALA A 25 -12.16 3.31 -1.73
C ALA A 25 -11.49 2.50 -2.85
N GLY A 26 -10.39 1.86 -2.49
CA GLY A 26 -9.65 1.05 -3.44
C GLY A 26 -8.63 1.89 -4.21
N CYS A 27 -7.50 1.28 -4.51
CA CYS A 27 -6.44 1.96 -5.23
C CYS A 27 -7.08 2.78 -6.35
N GLU A 28 -8.20 2.28 -6.84
CA GLU A 28 -8.93 2.96 -7.90
C GLU A 28 -8.97 4.46 -7.64
N HIS A 29 -9.00 4.81 -6.36
CA HIS A 29 -9.04 6.21 -5.96
C HIS A 29 -7.94 6.98 -6.68
N GLU A 30 -7.88 8.27 -6.39
CA GLU A 30 -6.88 9.13 -7.00
C GLU A 30 -5.80 9.50 -5.97
N LEU A 31 -6.13 9.27 -4.71
CA LEU A 31 -5.21 9.58 -3.63
C LEU A 31 -4.31 8.36 -3.37
N LEU A 32 -4.92 7.19 -3.44
CA LEU A 32 -4.19 5.95 -3.22
C LEU A 32 -3.99 5.25 -4.57
N LYS A 33 -3.74 6.05 -5.58
CA LYS A 33 -3.52 5.51 -6.92
C LYS A 33 -2.01 5.32 -7.14
N GLU A 34 -1.27 6.38 -6.86
CA GLU A 34 0.17 6.35 -7.03
C GLU A 34 0.87 6.49 -5.67
N LYS A 35 0.23 7.23 -4.79
CA LYS A 35 0.77 7.45 -3.45
C LYS A 35 0.63 6.17 -2.63
N CYS A 36 -0.22 5.27 -3.12
CA CYS A 36 -0.44 4.01 -2.45
C CYS A 36 0.01 2.89 -3.37
N LYS A 37 1.08 3.16 -4.10
CA LYS A 37 1.63 2.18 -5.02
C LYS A 37 1.74 0.83 -4.32
N ALA A 38 2.57 0.80 -3.29
CA ALA A 38 2.77 -0.43 -2.53
C ALA A 38 1.43 -1.13 -2.35
N THR A 39 0.57 -0.51 -1.56
CA THR A 39 -0.75 -1.07 -1.29
C THR A 39 -1.35 -1.65 -2.58
N CYS A 40 -1.01 -1.02 -3.69
CA CYS A 40 -1.50 -1.46 -4.98
C CYS A 40 -0.64 -2.63 -5.45
N LEU A 41 0.58 -2.30 -5.86
CA LEU A 41 1.52 -3.31 -6.34
C LEU A 41 2.03 -4.12 -5.14
N CYS A 42 2.90 -3.51 -4.37
CA CYS A 42 3.47 -4.16 -3.20
C CYS A 42 2.33 -4.45 -2.22
N GLU A 43 1.61 -5.53 -2.48
CA GLU A 43 0.51 -5.92 -1.62
C GLU A 43 0.73 -7.34 -1.10
N SER A 44 1.06 -7.42 0.18
CA SER A 44 1.30 -8.70 0.82
C SER A 44 1.34 -8.52 2.35
N GLY A 45 0.30 -9.03 3.00
CA GLY A 45 0.21 -8.94 4.44
C GLY A 45 0.32 -10.32 5.09
N PRO A 46 0.70 -10.31 6.39
CA PRO A 46 0.84 -11.56 7.14
C PRO A 46 -0.51 -12.14 7.50
N SER A 47 -0.51 -13.43 7.81
CA SER A 47 -1.73 -14.12 8.17
C SER A 47 -1.46 -15.08 9.33
N SER A 48 -1.74 -14.59 10.54
CA SER A 48 -1.55 -15.39 11.73
C SER A 48 -2.42 -16.64 11.68
N GLY A 49 -1.78 -17.79 11.84
CA GLY A 49 -2.49 -19.05 11.82
C GLY A 49 -2.00 -19.94 10.67
N GLY A 1 1.32 2.30 18.20
CA GLY A 1 2.11 3.31 18.90
C GLY A 1 2.38 4.52 18.01
N SER A 2 3.42 4.39 17.19
CA SER A 2 3.79 5.45 16.28
C SER A 2 4.16 4.88 14.91
N SER A 3 5.17 4.01 14.93
CA SER A 3 5.62 3.38 13.70
C SER A 3 5.06 1.96 13.60
N GLY A 4 4.42 1.69 12.47
CA GLY A 4 3.83 0.38 12.24
C GLY A 4 3.77 0.07 10.74
N SER A 5 4.19 -1.13 10.41
CA SER A 5 4.19 -1.57 9.01
C SER A 5 3.70 -3.01 8.92
N SER A 6 2.63 -3.20 8.15
CA SER A 6 2.05 -4.51 7.98
C SER A 6 2.15 -4.92 6.51
N GLY A 7 2.89 -6.00 6.27
CA GLY A 7 3.07 -6.51 4.92
C GLY A 7 4.52 -6.31 4.46
N SER A 8 4.92 -5.05 4.40
CA SER A 8 6.27 -4.71 3.97
C SER A 8 6.48 -5.15 2.52
N CYS A 9 6.40 -4.17 1.63
CA CYS A 9 6.58 -4.45 0.22
C CYS A 9 7.65 -3.50 -0.33
N GLN A 10 8.16 -3.84 -1.50
CA GLN A 10 9.19 -3.04 -2.13
C GLN A 10 8.82 -1.55 -2.06
N TYR A 11 7.71 -1.22 -2.71
CA TYR A 11 7.23 0.16 -2.73
C TYR A 11 6.88 0.62 -1.32
N GLN A 12 6.92 1.94 -1.14
CA GLN A 12 6.61 2.54 0.14
C GLN A 12 5.63 3.70 -0.04
N ASP A 13 4.35 3.39 0.12
CA ASP A 13 3.31 4.39 -0.01
C ASP A 13 3.64 5.58 0.88
N LEU A 14 3.53 6.77 0.30
CA LEU A 14 3.82 8.00 1.03
C LEU A 14 2.73 8.22 2.07
N LEU A 15 1.51 7.83 1.71
CA LEU A 15 0.38 7.99 2.61
C LEU A 15 0.54 7.03 3.80
N SER A 16 -0.32 7.22 4.78
CA SER A 16 -0.29 6.40 5.98
C SER A 16 -1.69 5.88 6.31
N ASN A 17 -2.36 5.38 5.27
CA ASN A 17 -3.70 4.85 5.44
C ASN A 17 -4.18 4.27 4.10
N CYS A 18 -3.24 3.66 3.39
CA CYS A 18 -3.56 3.06 2.11
C CYS A 18 -4.48 1.86 2.35
N ASP A 19 -3.94 0.88 3.08
CA ASP A 19 -4.70 -0.32 3.39
C ASP A 19 -6.12 0.08 3.81
N SER A 20 -6.19 0.83 4.90
CA SER A 20 -7.48 1.29 5.42
C SER A 20 -8.36 1.76 4.27
N LEU A 21 -7.72 2.37 3.27
CA LEU A 21 -8.44 2.87 2.11
C LEU A 21 -8.75 1.70 1.17
N LYS A 22 -7.70 0.96 0.85
CA LYS A 22 -7.85 -0.18 -0.04
C LYS A 22 -9.10 -0.98 0.35
N ASN A 23 -9.45 -0.88 1.62
CA ASN A 23 -10.62 -1.58 2.13
C ASN A 23 -11.75 -1.49 1.11
N THR A 24 -12.23 -0.28 0.90
CA THR A 24 -13.30 -0.05 -0.05
C THR A 24 -12.89 1.00 -1.08
N ALA A 25 -12.22 2.03 -0.60
CA ALA A 25 -11.75 3.10 -1.47
C ALA A 25 -11.23 2.50 -2.78
N GLY A 26 -10.28 1.59 -2.63
CA GLY A 26 -9.68 0.94 -3.78
C GLY A 26 -8.69 1.86 -4.49
N CYS A 27 -7.54 1.29 -4.84
CA CYS A 27 -6.51 2.05 -5.52
C CYS A 27 -7.18 2.96 -6.55
N GLU A 28 -8.26 2.45 -7.13
CA GLU A 28 -8.99 3.21 -8.13
C GLU A 28 -9.10 4.68 -7.72
N HIS A 29 -9.11 4.90 -6.41
CA HIS A 29 -9.21 6.24 -5.88
C HIS A 29 -8.10 7.12 -6.48
N GLU A 30 -8.13 8.38 -6.11
CA GLU A 30 -7.13 9.32 -6.61
C GLU A 30 -6.08 9.61 -5.53
N LEU A 31 -6.44 9.29 -4.30
CA LEU A 31 -5.55 9.50 -3.17
C LEU A 31 -4.58 8.34 -3.07
N LEU A 32 -5.08 7.15 -3.42
CA LEU A 32 -4.27 5.95 -3.38
C LEU A 32 -4.13 5.38 -4.79
N LYS A 33 -3.88 6.27 -5.73
CA LYS A 33 -3.72 5.86 -7.12
C LYS A 33 -2.24 5.60 -7.41
N GLU A 34 -1.42 6.56 -6.98
CA GLU A 34 0.03 6.44 -7.20
C GLU A 34 0.76 6.52 -5.86
N LYS A 35 0.27 7.40 -5.00
CA LYS A 35 0.86 7.58 -3.68
C LYS A 35 0.74 6.28 -2.88
N CYS A 36 -0.10 5.39 -3.40
CA CYS A 36 -0.32 4.11 -2.75
C CYS A 36 0.15 3.01 -3.69
N LYS A 37 1.39 3.15 -4.15
CA LYS A 37 1.97 2.17 -5.05
C LYS A 37 1.95 0.79 -4.40
N ALA A 38 2.73 0.67 -3.33
CA ALA A 38 2.82 -0.59 -2.62
C ALA A 38 1.42 -1.19 -2.48
N THR A 39 0.58 -0.51 -1.70
CA THR A 39 -0.78 -0.96 -1.48
C THR A 39 -1.37 -1.53 -2.78
N CYS A 40 -0.97 -0.90 -3.89
CA CYS A 40 -1.45 -1.33 -5.19
C CYS A 40 -0.61 -2.53 -5.64
N LEU A 41 0.64 -2.25 -5.98
CA LEU A 41 1.55 -3.28 -6.42
C LEU A 41 1.95 -4.15 -5.23
N CYS A 42 2.83 -3.58 -4.40
CA CYS A 42 3.31 -4.28 -3.23
C CYS A 42 4.10 -5.50 -3.68
N GLU A 43 5.41 -5.32 -3.77
CA GLU A 43 6.29 -6.41 -4.19
C GLU A 43 6.00 -6.79 -5.64
N SER A 44 6.83 -6.28 -6.53
CA SER A 44 6.68 -6.56 -7.95
C SER A 44 8.05 -6.75 -8.61
N GLY A 45 8.25 -7.95 -9.14
CA GLY A 45 9.51 -8.27 -9.79
C GLY A 45 10.25 -9.39 -9.05
N PRO A 46 11.60 -9.28 -9.05
CA PRO A 46 12.43 -10.28 -8.39
C PRO A 46 12.38 -10.11 -6.87
N SER A 47 12.60 -11.21 -6.17
CA SER A 47 12.59 -11.19 -4.72
C SER A 47 14.02 -11.21 -4.18
N SER A 48 14.59 -10.03 -4.05
CA SER A 48 15.95 -9.90 -3.54
C SER A 48 15.93 -9.55 -2.06
N GLY A 49 16.96 -10.01 -1.36
CA GLY A 49 17.07 -9.75 0.07
C GLY A 49 18.45 -9.19 0.41
N GLY A 1 0.16 9.57 17.43
CA GLY A 1 -0.17 8.57 16.43
C GLY A 1 0.81 7.39 16.50
N SER A 2 0.26 6.20 16.25
CA SER A 2 1.07 4.99 16.28
C SER A 2 1.48 4.60 14.87
N SER A 3 2.66 4.03 14.77
CA SER A 3 3.19 3.60 13.48
C SER A 3 4.25 2.52 13.68
N GLY A 4 4.65 1.91 12.56
CA GLY A 4 5.65 0.86 12.60
C GLY A 4 6.32 0.69 11.23
N SER A 5 6.35 -0.55 10.78
CA SER A 5 6.96 -0.86 9.50
C SER A 5 6.27 -2.08 8.87
N SER A 6 5.61 -1.83 7.75
CA SER A 6 4.92 -2.88 7.04
C SER A 6 4.71 -2.50 5.58
N GLY A 7 5.63 -2.96 4.74
CA GLY A 7 5.57 -2.68 3.32
C GLY A 7 6.94 -2.84 2.66
N SER A 8 7.42 -4.07 2.68
CA SER A 8 8.72 -4.37 2.09
C SER A 8 8.54 -5.14 0.79
N CYS A 9 8.66 -4.42 -0.31
CA CYS A 9 8.51 -5.03 -1.63
C CYS A 9 9.41 -4.27 -2.62
N GLN A 10 9.09 -3.00 -2.80
CA GLN A 10 9.85 -2.16 -3.70
C GLN A 10 9.42 -0.70 -3.57
N TYR A 11 8.11 -0.49 -3.57
CA TYR A 11 7.56 0.85 -3.45
C TYR A 11 7.26 1.18 -1.98
N GLN A 12 7.02 2.46 -1.73
CA GLN A 12 6.73 2.92 -0.39
C GLN A 12 5.50 3.84 -0.41
N ASP A 13 4.37 3.27 -0.03
CA ASP A 13 3.12 4.03 0.00
C ASP A 13 3.39 5.40 0.63
N LEU A 14 3.30 6.43 -0.20
CA LEU A 14 3.53 7.79 0.25
C LEU A 14 2.59 8.08 1.43
N LEU A 15 1.44 7.43 1.41
CA LEU A 15 0.46 7.61 2.46
C LEU A 15 0.69 6.57 3.56
N SER A 16 -0.25 6.52 4.49
CA SER A 16 -0.16 5.57 5.60
C SER A 16 -1.43 4.75 5.68
N ASN A 17 -2.56 5.43 5.52
CA ASN A 17 -3.85 4.79 5.58
C ASN A 17 -4.22 4.26 4.19
N CYS A 18 -3.26 3.61 3.56
CA CYS A 18 -3.46 3.07 2.23
C CYS A 18 -4.39 1.85 2.34
N ASP A 19 -3.93 0.87 3.11
CA ASP A 19 -4.70 -0.35 3.31
C ASP A 19 -6.14 0.02 3.69
N SER A 20 -6.26 0.65 4.85
CA SER A 20 -7.57 1.07 5.34
C SER A 20 -8.41 1.62 4.18
N LEU A 21 -7.74 2.33 3.29
CA LEU A 21 -8.41 2.92 2.13
C LEU A 21 -8.73 1.82 1.13
N LYS A 22 -7.71 1.02 0.82
CA LYS A 22 -7.88 -0.06 -0.13
C LYS A 22 -9.12 -0.87 0.24
N ASN A 23 -9.47 -0.80 1.51
CA ASN A 23 -10.64 -1.52 2.00
C ASN A 23 -11.77 -1.40 0.99
N THR A 24 -12.25 -0.17 0.83
CA THR A 24 -13.34 0.10 -0.11
C THR A 24 -12.89 1.11 -1.16
N ALA A 25 -12.21 2.14 -0.70
CA ALA A 25 -11.72 3.18 -1.58
C ALA A 25 -11.11 2.54 -2.83
N GLY A 26 -10.18 1.63 -2.60
CA GLY A 26 -9.52 0.95 -3.69
C GLY A 26 -8.53 1.86 -4.40
N CYS A 27 -7.36 1.30 -4.71
CA CYS A 27 -6.32 2.05 -5.38
C CYS A 27 -6.97 2.92 -6.45
N GLU A 28 -8.08 2.42 -6.99
CA GLU A 28 -8.81 3.14 -8.02
C GLU A 28 -8.95 4.61 -7.65
N HIS A 29 -9.00 4.86 -6.35
CA HIS A 29 -9.13 6.21 -5.84
C HIS A 29 -8.07 7.11 -6.50
N GLU A 30 -8.10 8.38 -6.13
CA GLU A 30 -7.15 9.34 -6.67
C GLU A 30 -6.08 9.67 -5.63
N LEU A 31 -6.40 9.37 -4.39
CA LEU A 31 -5.48 9.63 -3.29
C LEU A 31 -4.53 8.44 -3.13
N LEU A 32 -5.09 7.25 -3.35
CA LEU A 32 -4.32 6.03 -3.23
C LEU A 32 -4.15 5.40 -4.62
N LYS A 33 -3.92 6.26 -5.60
CA LYS A 33 -3.74 5.81 -6.97
C LYS A 33 -2.24 5.54 -7.22
N GLU A 34 -1.44 6.53 -6.87
CA GLU A 34 0.00 6.41 -7.05
C GLU A 34 0.71 6.53 -5.70
N LYS A 35 0.19 7.40 -4.86
CA LYS A 35 0.77 7.61 -3.54
C LYS A 35 0.65 6.30 -2.73
N CYS A 36 -0.23 5.43 -3.19
CA CYS A 36 -0.44 4.17 -2.52
C CYS A 36 0.04 3.04 -3.45
N LYS A 37 1.13 3.32 -4.15
CA LYS A 37 1.69 2.36 -5.08
C LYS A 37 1.89 1.02 -4.35
N ALA A 38 2.71 1.06 -3.31
CA ALA A 38 2.98 -0.13 -2.53
C ALA A 38 1.68 -0.90 -2.31
N THR A 39 0.74 -0.25 -1.64
CA THR A 39 -0.55 -0.86 -1.37
C THR A 39 -1.14 -1.47 -2.64
N CYS A 40 -0.83 -0.83 -3.75
CA CYS A 40 -1.32 -1.29 -5.05
C CYS A 40 -0.48 -2.50 -5.47
N LEU A 41 0.78 -2.22 -5.78
CA LEU A 41 1.69 -3.26 -6.20
C LEU A 41 2.11 -4.09 -4.99
N CYS A 42 2.98 -3.51 -4.18
CA CYS A 42 3.47 -4.20 -2.99
C CYS A 42 2.28 -4.86 -2.30
N GLU A 43 2.15 -6.15 -2.52
CA GLU A 43 1.06 -6.91 -1.93
C GLU A 43 1.62 -8.11 -1.16
N SER A 44 1.28 -8.16 0.12
CA SER A 44 1.73 -9.24 0.98
C SER A 44 0.97 -9.21 2.31
N GLY A 45 -0.02 -10.08 2.40
CA GLY A 45 -0.83 -10.17 3.60
C GLY A 45 -2.27 -10.56 3.28
N PRO A 46 -2.97 -11.11 4.30
CA PRO A 46 -4.35 -11.53 4.13
C PRO A 46 -5.28 -10.32 4.10
N SER A 47 -5.11 -9.45 5.08
CA SER A 47 -5.92 -8.25 5.17
C SER A 47 -7.37 -8.63 5.49
N SER A 48 -8.12 -7.64 5.94
CA SER A 48 -9.52 -7.86 6.29
C SER A 48 -10.33 -8.11 5.01
N GLY A 49 -10.29 -7.13 4.11
CA GLY A 49 -11.01 -7.24 2.86
C GLY A 49 -10.08 -7.68 1.73
N GLY A 1 -0.29 -3.32 17.76
CA GLY A 1 -1.23 -3.62 18.82
C GLY A 1 -1.12 -5.09 19.25
N SER A 2 -1.48 -5.97 18.33
CA SER A 2 -1.44 -7.40 18.60
C SER A 2 -0.29 -8.04 17.82
N SER A 3 -0.36 -7.89 16.50
CA SER A 3 0.66 -8.44 15.62
C SER A 3 0.34 -8.10 14.17
N GLY A 4 1.02 -7.09 13.66
CA GLY A 4 0.83 -6.66 12.29
C GLY A 4 1.70 -7.47 11.33
N SER A 5 1.90 -6.91 10.15
CA SER A 5 2.71 -7.57 9.14
C SER A 5 3.96 -6.74 8.84
N SER A 6 5.00 -7.44 8.40
CA SER A 6 6.25 -6.77 8.07
C SER A 6 6.07 -5.84 6.88
N GLY A 7 5.66 -6.44 5.76
CA GLY A 7 5.44 -5.67 4.55
C GLY A 7 6.41 -6.12 3.44
N SER A 8 7.68 -5.83 3.66
CA SER A 8 8.71 -6.18 2.70
C SER A 8 8.27 -5.78 1.30
N CYS A 9 8.46 -4.50 1.00
CA CYS A 9 8.09 -3.97 -0.31
C CYS A 9 9.11 -2.90 -0.70
N GLN A 10 9.34 -2.79 -2.00
CA GLN A 10 10.28 -1.81 -2.52
C GLN A 10 9.73 -0.40 -2.33
N TYR A 11 8.68 -0.10 -3.08
CA TYR A 11 8.06 1.21 -3.01
C TYR A 11 7.72 1.58 -1.56
N GLN A 12 7.15 2.77 -1.41
CA GLN A 12 6.79 3.24 -0.09
C GLN A 12 5.62 4.23 -0.19
N ASP A 13 4.42 3.69 -0.02
CA ASP A 13 3.21 4.50 -0.10
C ASP A 13 3.44 5.81 0.65
N LEU A 14 3.19 6.91 -0.05
CA LEU A 14 3.37 8.23 0.54
C LEU A 14 2.37 8.41 1.68
N LEU A 15 1.23 7.76 1.53
CA LEU A 15 0.17 7.84 2.54
C LEU A 15 0.52 6.90 3.69
N SER A 16 -0.33 6.95 4.72
CA SER A 16 -0.13 6.11 5.88
C SER A 16 -1.45 5.47 6.30
N ASN A 17 -2.18 5.00 5.30
CA ASN A 17 -3.47 4.37 5.55
C ASN A 17 -4.08 3.91 4.22
N CYS A 18 -3.21 3.41 3.35
CA CYS A 18 -3.65 2.94 2.05
C CYS A 18 -4.55 1.73 2.25
N ASP A 19 -4.01 0.74 2.95
CA ASP A 19 -4.76 -0.48 3.22
C ASP A 19 -6.15 -0.11 3.73
N SER A 20 -6.17 0.55 4.89
CA SER A 20 -7.43 0.96 5.50
C SER A 20 -8.36 1.53 4.43
N LEU A 21 -7.77 2.17 3.44
CA LEU A 21 -8.53 2.76 2.36
C LEU A 21 -8.89 1.67 1.34
N LYS A 22 -7.91 0.82 1.07
CA LYS A 22 -8.11 -0.26 0.12
C LYS A 22 -9.41 -0.99 0.45
N ASN A 23 -9.81 -0.88 1.72
CA ASN A 23 -11.03 -1.53 2.18
C ASN A 23 -12.11 -1.39 1.10
N THR A 24 -12.40 -0.14 0.77
CA THR A 24 -13.41 0.15 -0.24
C THR A 24 -12.87 1.13 -1.27
N ALA A 25 -12.20 2.16 -0.76
CA ALA A 25 -11.63 3.18 -1.63
C ALA A 25 -10.93 2.51 -2.81
N GLY A 26 -9.97 1.67 -2.48
CA GLY A 26 -9.21 0.97 -3.51
C GLY A 26 -8.30 1.92 -4.27
N CYS A 27 -7.16 1.39 -4.69
CA CYS A 27 -6.20 2.18 -5.44
C CYS A 27 -6.96 3.03 -6.45
N GLU A 28 -8.10 2.50 -6.90
CA GLU A 28 -8.93 3.21 -7.87
C GLU A 28 -9.01 4.69 -7.51
N HIS A 29 -9.01 4.96 -6.22
CA HIS A 29 -9.09 6.33 -5.74
C HIS A 29 -8.06 7.19 -6.47
N GLU A 30 -8.09 8.48 -6.17
CA GLU A 30 -7.17 9.42 -6.80
C GLU A 30 -6.02 9.75 -5.84
N LEU A 31 -6.20 9.34 -4.59
CA LEU A 31 -5.20 9.59 -3.57
C LEU A 31 -4.27 8.38 -3.48
N LEU A 32 -4.88 7.21 -3.32
CA LEU A 32 -4.13 5.98 -3.21
C LEU A 32 -3.99 5.34 -4.60
N LYS A 33 -3.96 6.21 -5.60
CA LYS A 33 -3.83 5.75 -6.98
C LYS A 33 -2.37 5.39 -7.26
N GLU A 34 -1.49 6.33 -6.93
CA GLU A 34 -0.06 6.13 -7.14
C GLU A 34 0.69 6.28 -5.82
N LYS A 35 0.27 7.25 -5.04
CA LYS A 35 0.89 7.51 -3.75
C LYS A 35 0.82 6.23 -2.89
N CYS A 36 -0.08 5.34 -3.29
CA CYS A 36 -0.26 4.10 -2.56
C CYS A 36 0.18 2.95 -3.47
N LYS A 37 1.33 3.14 -4.11
CA LYS A 37 1.87 2.14 -5.01
C LYS A 37 2.05 0.81 -4.24
N ALA A 38 2.79 0.90 -3.15
CA ALA A 38 3.04 -0.27 -2.33
C ALA A 38 1.77 -1.11 -2.24
N THR A 39 0.70 -0.45 -1.80
CA THR A 39 -0.59 -1.12 -1.67
C THR A 39 -1.08 -1.62 -3.04
N CYS A 40 -0.84 -0.79 -4.04
CA CYS A 40 -1.25 -1.14 -5.40
C CYS A 40 -0.45 -2.36 -5.84
N LEU A 41 0.85 -2.14 -6.05
CA LEU A 41 1.73 -3.21 -6.48
C LEU A 41 1.92 -4.21 -5.33
N CYS A 42 2.70 -3.78 -4.34
CA CYS A 42 2.96 -4.62 -3.19
C CYS A 42 1.65 -4.89 -2.47
N GLU A 43 1.74 -5.64 -1.38
CA GLU A 43 0.56 -5.97 -0.60
C GLU A 43 -0.60 -6.35 -1.52
N SER A 44 -0.53 -7.58 -2.03
CA SER A 44 -1.56 -8.08 -2.92
C SER A 44 -2.92 -8.02 -2.23
N GLY A 45 -3.96 -7.91 -3.05
CA GLY A 45 -5.32 -7.85 -2.52
C GLY A 45 -6.15 -9.02 -3.03
N PRO A 46 -7.47 -8.75 -3.20
CA PRO A 46 -8.39 -9.78 -3.67
C PRO A 46 -8.21 -10.01 -5.18
N SER A 47 -7.62 -11.15 -5.50
CA SER A 47 -7.38 -11.50 -6.89
C SER A 47 -6.46 -10.46 -7.55
N SER A 48 -5.19 -10.83 -7.65
CA SER A 48 -4.21 -9.94 -8.24
C SER A 48 -4.74 -9.37 -9.56
N GLY A 49 -4.24 -8.20 -9.90
CA GLY A 49 -4.67 -7.53 -11.12
C GLY A 49 -5.53 -6.31 -10.80
N GLY A 1 6.13 8.47 15.33
CA GLY A 1 5.70 7.69 16.47
C GLY A 1 6.45 6.36 16.52
N SER A 2 5.71 5.31 16.86
CA SER A 2 6.29 3.98 16.95
C SER A 2 5.51 3.00 16.07
N SER A 3 6.18 2.53 15.03
CA SER A 3 5.56 1.59 14.11
C SER A 3 5.50 0.20 14.73
N GLY A 4 4.56 -0.60 14.25
CA GLY A 4 4.39 -1.95 14.76
C GLY A 4 5.04 -2.97 13.82
N SER A 5 4.20 -3.80 13.22
CA SER A 5 4.67 -4.82 12.30
C SER A 5 3.65 -5.04 11.18
N SER A 6 4.17 -5.42 10.03
CA SER A 6 3.31 -5.67 8.87
C SER A 6 4.06 -6.51 7.84
N GLY A 7 5.19 -5.98 7.40
CA GLY A 7 6.01 -6.67 6.41
C GLY A 7 6.73 -5.67 5.50
N SER A 8 7.19 -6.17 4.37
CA SER A 8 7.90 -5.33 3.41
C SER A 8 7.35 -5.58 2.00
N CYS A 9 7.35 -4.51 1.22
CA CYS A 9 6.86 -4.60 -0.15
C CYS A 9 7.50 -3.47 -0.96
N GLN A 10 7.68 -3.74 -2.24
CA GLN A 10 8.27 -2.75 -3.13
C GLN A 10 7.60 -1.39 -2.95
N TYR A 11 8.10 -0.41 -3.67
CA TYR A 11 7.56 0.94 -3.60
C TYR A 11 7.43 1.40 -2.15
N GLN A 12 6.96 2.63 -1.99
CA GLN A 12 6.79 3.19 -0.65
C GLN A 12 5.60 4.15 -0.65
N ASP A 13 4.58 3.78 0.10
CA ASP A 13 3.38 4.61 0.20
C ASP A 13 3.69 5.84 1.05
N LEU A 14 3.29 6.99 0.53
CA LEU A 14 3.51 8.24 1.22
C LEU A 14 2.50 8.38 2.35
N LEU A 15 1.28 7.97 2.07
CA LEU A 15 0.21 8.03 3.06
C LEU A 15 0.53 7.10 4.22
N SER A 16 -0.52 6.47 4.73
CA SER A 16 -0.35 5.55 5.84
C SER A 16 -1.56 4.59 5.90
N ASN A 17 -2.74 5.17 5.75
CA ASN A 17 -3.96 4.39 5.78
C ASN A 17 -4.32 3.96 4.37
N CYS A 18 -3.30 3.66 3.58
CA CYS A 18 -3.50 3.24 2.21
C CYS A 18 -4.43 2.02 2.21
N ASP A 19 -3.99 0.99 2.94
CA ASP A 19 -4.77 -0.23 3.03
C ASP A 19 -6.22 0.12 3.41
N SER A 20 -6.37 0.60 4.62
CA SER A 20 -7.69 0.98 5.11
C SER A 20 -8.50 1.63 3.99
N LEU A 21 -7.80 2.42 3.18
CA LEU A 21 -8.44 3.11 2.08
C LEU A 21 -8.75 2.11 0.97
N LYS A 22 -7.70 1.51 0.44
CA LYS A 22 -7.84 0.53 -0.62
C LYS A 22 -8.93 -0.47 -0.25
N ASN A 23 -9.13 -0.62 1.06
CA ASN A 23 -10.14 -1.53 1.56
C ASN A 23 -11.47 -1.26 0.85
N THR A 24 -12.04 -0.10 1.15
CA THR A 24 -13.30 0.29 0.54
C THR A 24 -13.06 1.13 -0.71
N ALA A 25 -12.50 2.32 -0.49
CA ALA A 25 -12.22 3.22 -1.58
C ALA A 25 -11.59 2.44 -2.74
N GLY A 26 -10.49 1.77 -2.43
CA GLY A 26 -9.79 0.98 -3.42
C GLY A 26 -8.75 1.83 -4.17
N CYS A 27 -7.64 1.20 -4.51
CA CYS A 27 -6.58 1.89 -5.22
C CYS A 27 -7.21 2.77 -6.30
N GLU A 28 -8.35 2.30 -6.80
CA GLU A 28 -9.07 3.04 -7.83
C GLU A 28 -9.08 4.53 -7.50
N HIS A 29 -9.10 4.83 -6.21
CA HIS A 29 -9.12 6.21 -5.76
C HIS A 29 -8.01 7.00 -6.46
N GLU A 30 -7.94 8.28 -6.14
CA GLU A 30 -6.93 9.14 -6.72
C GLU A 30 -5.83 9.44 -5.70
N LEU A 31 -6.19 9.28 -4.43
CA LEU A 31 -5.25 9.53 -3.36
C LEU A 31 -4.35 8.31 -3.18
N LEU A 32 -4.91 7.15 -3.45
CA LEU A 32 -4.17 5.90 -3.33
C LEU A 32 -4.06 5.24 -4.70
N LYS A 33 -3.75 6.06 -5.69
CA LYS A 33 -3.62 5.57 -7.06
C LYS A 33 -2.13 5.35 -7.37
N GLU A 34 -1.35 6.39 -7.10
CA GLU A 34 0.07 6.33 -7.34
C GLU A 34 0.85 6.46 -6.03
N LYS A 35 0.30 7.26 -5.13
CA LYS A 35 0.92 7.47 -3.84
C LYS A 35 0.88 6.17 -3.03
N CYS A 36 -0.12 5.36 -3.35
CA CYS A 36 -0.29 4.08 -2.66
C CYS A 36 0.09 2.97 -3.63
N LYS A 37 1.20 3.17 -4.34
CA LYS A 37 1.67 2.19 -5.30
C LYS A 37 1.88 0.85 -4.58
N ALA A 38 2.74 0.87 -3.59
CA ALA A 38 3.03 -0.33 -2.82
C ALA A 38 1.73 -1.03 -2.46
N THR A 39 0.90 -0.33 -1.70
CA THR A 39 -0.37 -0.87 -1.28
C THR A 39 -1.10 -1.51 -2.46
N CYS A 40 -0.87 -0.94 -3.63
CA CYS A 40 -1.49 -1.43 -4.85
C CYS A 40 -0.71 -2.67 -5.32
N LEU A 41 0.52 -2.41 -5.74
CA LEU A 41 1.38 -3.48 -6.22
C LEU A 41 1.86 -4.32 -5.02
N CYS A 42 2.81 -3.75 -4.28
CA CYS A 42 3.35 -4.42 -3.12
C CYS A 42 3.78 -5.83 -3.55
N GLU A 43 5.07 -5.96 -3.83
CA GLU A 43 5.63 -7.24 -4.25
C GLU A 43 5.04 -7.65 -5.60
N SER A 44 5.59 -8.73 -6.14
CA SER A 44 5.14 -9.24 -7.43
C SER A 44 5.48 -8.23 -8.53
N GLY A 45 6.62 -8.43 -9.15
CA GLY A 45 7.07 -7.55 -10.22
C GLY A 45 5.92 -7.28 -11.21
N PRO A 46 5.35 -6.05 -11.09
CA PRO A 46 4.26 -5.65 -11.96
C PRO A 46 4.76 -5.32 -13.37
N SER A 47 5.09 -6.37 -14.11
CA SER A 47 5.59 -6.21 -15.47
C SER A 47 5.11 -7.36 -16.35
N SER A 48 3.82 -7.32 -16.67
CA SER A 48 3.23 -8.36 -17.50
C SER A 48 3.73 -8.22 -18.95
N GLY A 49 3.47 -7.06 -19.51
CA GLY A 49 3.88 -6.78 -20.88
C GLY A 49 2.67 -6.62 -21.80
N GLY A 1 8.60 -5.72 22.55
CA GLY A 1 8.63 -7.13 22.23
C GLY A 1 9.72 -7.46 21.20
N SER A 2 9.86 -8.74 20.92
CA SER A 2 10.86 -9.19 19.97
C SER A 2 10.35 -9.00 18.54
N SER A 3 11.28 -9.00 17.60
CA SER A 3 10.93 -8.83 16.20
C SER A 3 10.20 -7.51 16.00
N GLY A 4 10.86 -6.60 15.29
CA GLY A 4 10.28 -5.30 15.02
C GLY A 4 10.32 -4.98 13.53
N SER A 5 10.52 -3.70 13.23
CA SER A 5 10.57 -3.25 11.84
C SER A 5 9.40 -3.84 11.06
N SER A 6 8.34 -3.04 10.95
CA SER A 6 7.17 -3.46 10.23
C SER A 6 7.05 -2.70 8.90
N GLY A 7 6.65 -3.42 7.87
CA GLY A 7 6.50 -2.83 6.55
C GLY A 7 7.46 -3.49 5.55
N SER A 8 8.31 -2.66 4.96
CA SER A 8 9.28 -3.14 3.99
C SER A 8 8.54 -3.69 2.76
N CYS A 9 8.89 -3.14 1.61
CA CYS A 9 8.28 -3.55 0.35
C CYS A 9 8.97 -2.79 -0.79
N GLN A 10 8.94 -3.41 -1.96
CA GLN A 10 9.55 -2.82 -3.14
C GLN A 10 9.20 -1.33 -3.22
N TYR A 11 7.90 -1.05 -3.17
CA TYR A 11 7.42 0.31 -3.24
C TYR A 11 7.06 0.83 -1.85
N GLN A 12 6.86 2.14 -1.77
CA GLN A 12 6.50 2.78 -0.51
C GLN A 12 5.29 3.69 -0.71
N ASP A 13 4.40 3.66 0.27
CA ASP A 13 3.21 4.48 0.23
C ASP A 13 3.45 5.78 0.99
N LEU A 14 3.22 6.89 0.30
CA LEU A 14 3.41 8.21 0.90
C LEU A 14 2.31 8.45 1.94
N LEU A 15 1.25 7.67 1.83
CA LEU A 15 0.13 7.78 2.76
C LEU A 15 0.33 6.82 3.92
N SER A 16 -0.37 7.11 5.02
CA SER A 16 -0.27 6.27 6.21
C SER A 16 -1.65 5.70 6.54
N ASN A 17 -2.34 5.26 5.50
CA ASN A 17 -3.66 4.69 5.68
C ASN A 17 -4.16 4.14 4.34
N CYS A 18 -3.24 3.55 3.60
CA CYS A 18 -3.56 2.98 2.30
C CYS A 18 -4.50 1.80 2.52
N ASP A 19 -4.01 0.83 3.29
CA ASP A 19 -4.79 -0.35 3.59
C ASP A 19 -6.22 0.05 3.99
N SER A 20 -6.29 0.82 5.07
CA SER A 20 -7.58 1.28 5.56
C SER A 20 -8.45 1.77 4.40
N LEU A 21 -7.78 2.36 3.42
CA LEU A 21 -8.48 2.87 2.24
C LEU A 21 -8.80 1.71 1.30
N LYS A 22 -7.77 0.94 0.98
CA LYS A 22 -7.93 -0.21 0.10
C LYS A 22 -9.22 -0.96 0.48
N ASN A 23 -9.57 -0.85 1.75
CA ASN A 23 -10.76 -1.52 2.25
C ASN A 23 -11.88 -1.39 1.22
N THR A 24 -12.25 -0.15 0.94
CA THR A 24 -13.31 0.12 -0.03
C THR A 24 -12.81 1.10 -1.10
N ALA A 25 -12.13 2.13 -0.64
CA ALA A 25 -11.60 3.14 -1.53
C ALA A 25 -11.00 2.46 -2.75
N GLY A 26 -10.02 1.61 -2.50
CA GLY A 26 -9.34 0.90 -3.57
C GLY A 26 -8.40 1.81 -4.35
N CYS A 27 -7.26 1.26 -4.72
CA CYS A 27 -6.27 2.02 -5.47
C CYS A 27 -7.00 2.87 -6.51
N GLU A 28 -8.12 2.34 -6.97
CA GLU A 28 -8.93 3.04 -7.96
C GLU A 28 -8.97 4.54 -7.65
N HIS A 29 -9.01 4.84 -6.37
CA HIS A 29 -9.07 6.22 -5.92
C HIS A 29 -7.97 7.03 -6.62
N GLU A 30 -7.95 8.33 -6.34
CA GLU A 30 -6.97 9.21 -6.93
C GLU A 30 -5.87 9.54 -5.92
N LEU A 31 -6.17 9.28 -4.66
CA LEU A 31 -5.23 9.56 -3.59
C LEU A 31 -4.31 8.35 -3.42
N LEU A 32 -4.92 7.17 -3.44
CA LEU A 32 -4.16 5.94 -3.29
C LEU A 32 -3.97 5.28 -4.66
N LYS A 33 -3.76 6.13 -5.66
CA LYS A 33 -3.55 5.66 -7.02
C LYS A 33 -2.06 5.47 -7.27
N GLU A 34 -1.29 6.50 -6.94
CA GLU A 34 0.14 6.46 -7.12
C GLU A 34 0.86 6.53 -5.77
N LYS A 35 0.29 7.34 -4.88
CA LYS A 35 0.86 7.50 -3.56
C LYS A 35 0.77 6.18 -2.80
N CYS A 36 -0.16 5.34 -3.24
CA CYS A 36 -0.36 4.04 -2.61
C CYS A 36 0.10 2.96 -3.59
N LYS A 37 1.26 3.21 -4.18
CA LYS A 37 1.81 2.27 -5.15
C LYS A 37 1.87 0.87 -4.50
N ALA A 38 2.62 0.79 -3.43
CA ALA A 38 2.76 -0.48 -2.72
C ALA A 38 1.41 -1.18 -2.67
N THR A 39 0.49 -0.60 -1.92
CA THR A 39 -0.85 -1.16 -1.78
C THR A 39 -1.35 -1.65 -3.14
N CYS A 40 -0.94 -0.96 -4.19
CA CYS A 40 -1.34 -1.32 -5.54
C CYS A 40 -0.45 -2.48 -6.00
N LEU A 41 0.80 -2.14 -6.29
CA LEU A 41 1.75 -3.13 -6.75
C LEU A 41 2.14 -4.04 -5.57
N CYS A 42 2.97 -3.48 -4.69
CA CYS A 42 3.43 -4.22 -3.53
C CYS A 42 2.21 -4.54 -2.65
N GLU A 43 1.51 -5.60 -3.04
CA GLU A 43 0.33 -6.03 -2.31
C GLU A 43 0.68 -7.20 -1.38
N SER A 44 -0.09 -7.29 -0.30
CA SER A 44 0.12 -8.36 0.68
C SER A 44 -1.02 -9.35 0.61
N GLY A 45 -0.89 -10.31 -0.30
CA GLY A 45 -1.90 -11.33 -0.46
C GLY A 45 -1.95 -11.83 -1.91
N PRO A 46 -0.92 -12.64 -2.27
CA PRO A 46 -0.84 -13.18 -3.62
C PRO A 46 -1.85 -14.32 -3.81
N SER A 47 -1.98 -14.74 -5.06
CA SER A 47 -2.90 -15.81 -5.39
C SER A 47 -4.26 -15.56 -4.74
N SER A 48 -5.12 -14.86 -5.48
CA SER A 48 -6.45 -14.55 -4.99
C SER A 48 -7.49 -14.94 -6.03
N GLY A 49 -8.69 -15.22 -5.54
CA GLY A 49 -9.79 -15.61 -6.41
C GLY A 49 -9.37 -16.74 -7.34
N GLY A 1 1.97 -2.67 8.15
CA GLY A 1 1.27 -3.95 8.20
C GLY A 1 2.04 -4.97 9.03
N SER A 2 1.81 -6.24 8.73
CA SER A 2 2.48 -7.32 9.44
C SER A 2 3.98 -7.08 9.44
N SER A 3 4.66 -7.78 10.34
CA SER A 3 6.11 -7.66 10.46
C SER A 3 6.71 -8.99 10.92
N GLY A 4 7.95 -9.21 10.51
CA GLY A 4 8.65 -10.44 10.87
C GLY A 4 10.13 -10.16 11.11
N SER A 5 10.89 -10.21 10.02
CA SER A 5 12.32 -9.98 10.09
C SER A 5 12.86 -9.63 8.70
N SER A 6 13.49 -8.46 8.62
CA SER A 6 14.04 -8.00 7.37
C SER A 6 13.02 -8.18 6.24
N GLY A 7 12.18 -7.17 6.09
CA GLY A 7 11.16 -7.20 5.05
C GLY A 7 10.81 -5.78 4.58
N SER A 8 11.28 -5.46 3.39
CA SER A 8 11.02 -4.15 2.81
C SER A 8 10.59 -4.29 1.35
N CYS A 9 9.35 -3.91 1.10
CA CYS A 9 8.80 -3.99 -0.24
C CYS A 9 9.57 -3.03 -1.14
N GLN A 10 9.28 -3.11 -2.43
CA GLN A 10 9.95 -2.25 -3.40
C GLN A 10 9.48 -0.80 -3.23
N TYR A 11 8.19 -0.60 -3.50
CA TYR A 11 7.61 0.72 -3.39
C TYR A 11 7.32 1.07 -1.92
N GLN A 12 7.13 2.36 -1.68
CA GLN A 12 6.85 2.85 -0.34
C GLN A 12 5.81 3.97 -0.38
N ASP A 13 4.60 3.63 0.04
CA ASP A 13 3.52 4.59 0.05
C ASP A 13 3.84 5.70 1.07
N LEU A 14 3.56 6.93 0.66
CA LEU A 14 3.83 8.08 1.51
C LEU A 14 2.67 8.24 2.49
N LEU A 15 1.51 7.74 2.08
CA LEU A 15 0.32 7.82 2.92
C LEU A 15 0.44 6.83 4.07
N SER A 16 -0.41 7.01 5.07
CA SER A 16 -0.41 6.14 6.23
C SER A 16 -1.82 5.58 6.45
N ASN A 17 -2.45 5.19 5.36
CA ASN A 17 -3.79 4.63 5.42
C ASN A 17 -4.18 4.08 4.04
N CYS A 18 -3.20 3.47 3.38
CA CYS A 18 -3.42 2.92 2.06
C CYS A 18 -4.42 1.76 2.21
N ASP A 19 -3.95 0.69 2.83
CA ASP A 19 -4.78 -0.48 3.04
C ASP A 19 -6.19 -0.04 3.45
N SER A 20 -6.24 0.74 4.52
CA SER A 20 -7.51 1.23 5.02
C SER A 20 -8.32 1.84 3.88
N LEU A 21 -7.62 2.53 2.99
CA LEU A 21 -8.26 3.15 1.85
C LEU A 21 -8.66 2.08 0.83
N LYS A 22 -7.67 1.29 0.44
CA LYS A 22 -7.91 0.22 -0.52
C LYS A 22 -8.96 -0.73 0.04
N ASN A 23 -9.18 -0.64 1.34
CA ASN A 23 -10.16 -1.48 2.00
C ASN A 23 -11.51 -1.35 1.30
N THR A 24 -12.06 -0.14 1.37
CA THR A 24 -13.35 0.13 0.73
C THR A 24 -13.15 0.97 -0.53
N ALA A 25 -12.46 2.08 -0.37
CA ALA A 25 -12.19 2.97 -1.48
C ALA A 25 -11.67 2.16 -2.67
N GLY A 26 -10.45 1.67 -2.51
CA GLY A 26 -9.82 0.87 -3.56
C GLY A 26 -8.83 1.71 -4.36
N CYS A 27 -7.78 1.05 -4.83
CA CYS A 27 -6.75 1.72 -5.62
C CYS A 27 -7.45 2.66 -6.61
N GLU A 28 -8.67 2.27 -7.00
CA GLU A 28 -9.44 3.05 -7.93
C GLU A 28 -9.40 4.54 -7.54
N HIS A 29 -9.18 4.77 -6.26
CA HIS A 29 -9.12 6.13 -5.75
C HIS A 29 -7.89 6.84 -6.33
N GLU A 30 -7.95 8.16 -6.31
CA GLU A 30 -6.86 8.97 -6.84
C GLU A 30 -5.86 9.28 -5.73
N LEU A 31 -6.32 9.14 -4.49
CA LEU A 31 -5.48 9.41 -3.34
C LEU A 31 -4.43 8.29 -3.21
N LEU A 32 -4.83 7.10 -3.65
CA LEU A 32 -3.95 5.95 -3.59
C LEU A 32 -3.61 5.50 -5.01
N LYS A 33 -3.88 6.37 -5.97
CA LYS A 33 -3.62 6.07 -7.36
C LYS A 33 -2.14 5.69 -7.53
N GLU A 34 -1.29 6.52 -6.94
CA GLU A 34 0.15 6.28 -7.02
C GLU A 34 0.78 6.42 -5.63
N LYS A 35 0.36 7.47 -4.94
CA LYS A 35 0.88 7.73 -3.60
C LYS A 35 0.88 6.42 -2.79
N CYS A 36 -0.02 5.53 -3.18
CA CYS A 36 -0.14 4.25 -2.51
C CYS A 36 0.16 3.14 -3.51
N LYS A 37 1.31 3.27 -4.16
CA LYS A 37 1.73 2.30 -5.15
C LYS A 37 1.82 0.92 -4.49
N ALA A 38 2.70 0.83 -3.50
CA ALA A 38 2.90 -0.42 -2.78
C ALA A 38 1.54 -1.08 -2.55
N THR A 39 0.71 -0.42 -1.76
CA THR A 39 -0.60 -0.94 -1.45
C THR A 39 -1.24 -1.55 -2.70
N CYS A 40 -0.94 -0.94 -3.84
CA CYS A 40 -1.47 -1.41 -5.10
C CYS A 40 -0.59 -2.56 -5.60
N LEU A 41 0.64 -2.21 -5.93
CA LEU A 41 1.58 -3.21 -6.41
C LEU A 41 1.98 -4.14 -5.27
N CYS A 42 2.82 -3.61 -4.38
CA CYS A 42 3.28 -4.38 -3.24
C CYS A 42 2.09 -5.15 -2.67
N GLU A 43 2.07 -6.44 -2.97
CA GLU A 43 1.00 -7.30 -2.49
C GLU A 43 1.57 -8.61 -1.94
N SER A 44 1.40 -8.80 -0.64
CA SER A 44 1.89 -9.99 0.02
C SER A 44 3.38 -10.18 -0.28
N GLY A 45 3.96 -11.17 0.37
CA GLY A 45 5.37 -11.47 0.18
C GLY A 45 5.56 -12.58 -0.85
N PRO A 46 5.36 -13.84 -0.38
CA PRO A 46 5.51 -15.00 -1.25
C PRO A 46 4.32 -15.12 -2.21
N SER A 47 4.62 -14.99 -3.49
CA SER A 47 3.58 -15.08 -4.50
C SER A 47 4.21 -15.44 -5.86
N SER A 48 3.41 -16.08 -6.69
CA SER A 48 3.87 -16.49 -8.01
C SER A 48 4.16 -15.26 -8.87
N GLY A 49 3.13 -14.43 -9.01
CA GLY A 49 3.27 -13.21 -9.80
C GLY A 49 2.56 -12.04 -9.12
#